data_3RES
#
_entry.id   3RES
#
_cell.length_a   111.260
_cell.length_b   34.120
_cell.length_c   200.743
_cell.angle_alpha   90.00
_cell.angle_beta   98.39
_cell.angle_gamma   90.00
#
_symmetry.space_group_name_H-M   'I 1 2 1'
#
loop_
_entity.id
_entity.type
_entity.pdbx_description
1 polymer 'Protein hfq'
2 non-polymer "ADENOSINE-5'-DIPHOSPHATE"
3 water water
#
_entity_poly.entity_id   1
_entity_poly.type   'polypeptide(L)'
_entity_poly.pdbx_seq_one_letter_code
;MAKGQSLQDPFLNALRRERVPVSIYLVNGIKLQGQIESFDQFVILLKNTVSQMVYKHAISTVVPS
;
_entity_poly.pdbx_strand_id   A,B,C,D,E,F,G,H,I,J,K,L
#
loop_
_chem_comp.id
_chem_comp.type
_chem_comp.name
_chem_comp.formula
ADP non-polymer ADENOSINE-5'-DIPHOSPHATE 'C10 H15 N5 O10 P2'
#
# COMPACT_ATOMS: atom_id res chain seq x y z
N GLY A 4 -36.35 -6.87 25.33
CA GLY A 4 -35.01 -6.71 25.99
C GLY A 4 -34.72 -7.73 27.09
N GLN A 5 -35.68 -8.64 27.34
CA GLN A 5 -35.54 -9.67 28.36
C GLN A 5 -34.86 -10.94 27.79
N SER A 6 -33.87 -11.46 28.52
CA SER A 6 -33.17 -12.64 28.09
C SER A 6 -34.04 -13.90 28.16
N LEU A 7 -33.88 -14.75 27.15
CA LEU A 7 -34.50 -16.07 27.14
C LEU A 7 -33.39 -17.09 27.42
N GLN A 8 -32.19 -16.77 26.96
CA GLN A 8 -31.03 -17.65 27.12
C GLN A 8 -30.72 -17.91 28.61
N ASP A 9 -30.73 -16.86 29.42
CA ASP A 9 -30.30 -16.96 30.81
C ASP A 9 -31.27 -17.80 31.66
N PRO A 10 -32.58 -17.52 31.60
CA PRO A 10 -33.46 -18.43 32.35
C PRO A 10 -33.48 -19.88 31.82
N PHE A 11 -33.34 -20.06 30.50
CA PHE A 11 -33.23 -21.40 29.87
C PHE A 11 -32.07 -22.20 30.46
N LEU A 12 -30.85 -21.66 30.37
CA LEU A 12 -29.67 -22.34 30.89
C LEU A 12 -29.73 -22.48 32.41
N ASN A 13 -30.20 -21.43 33.07
CA ASN A 13 -30.34 -21.42 34.52
C ASN A 13 -31.25 -22.54 35.00
N ALA A 14 -32.34 -22.76 34.28
CA ALA A 14 -33.29 -23.80 34.68
C ALA A 14 -32.69 -25.18 34.46
N LEU A 15 -31.93 -25.34 33.37
CA LEU A 15 -31.18 -26.55 33.10
C LEU A 15 -30.18 -26.84 34.21
N ARG A 16 -29.42 -25.83 34.62
CA ARG A 16 -28.47 -25.97 35.71
C ARG A 16 -29.18 -26.35 37.02
N ARG A 17 -30.21 -25.57 37.36
CA ARG A 17 -31.02 -25.76 38.56
C ARG A 17 -31.50 -27.21 38.79
N GLU A 18 -32.07 -27.80 37.75
CA GLU A 18 -32.72 -29.12 37.86
C GLU A 18 -31.85 -30.29 37.40
N ARG A 19 -30.58 -30.01 37.10
CA ARG A 19 -29.61 -31.02 36.65
C ARG A 19 -30.08 -31.81 35.42
N VAL A 20 -30.69 -31.09 34.48
CA VAL A 20 -31.24 -31.66 33.25
C VAL A 20 -30.11 -32.07 32.30
N PRO A 21 -30.07 -33.35 31.87
CA PRO A 21 -29.08 -33.83 30.90
C PRO A 21 -29.23 -33.13 29.56
N VAL A 22 -28.12 -32.55 29.08
CA VAL A 22 -28.15 -31.85 27.81
C VAL A 22 -27.15 -32.38 26.79
N SER A 23 -27.45 -32.08 25.53
CA SER A 23 -26.51 -32.18 24.45
C SER A 23 -26.16 -30.75 24.04
N ILE A 24 -24.87 -30.42 23.99
CA ILE A 24 -24.41 -29.15 23.41
C ILE A 24 -23.72 -29.48 22.09
N TYR A 25 -24.22 -28.92 21.00
CA TYR A 25 -23.64 -29.19 19.69
C TYR A 25 -22.70 -28.05 19.34
N LEU A 26 -21.50 -28.40 18.88
CA LEU A 26 -20.52 -27.38 18.48
C LEU A 26 -20.68 -26.98 17.02
N VAL A 27 -20.09 -25.83 16.64
CA VAL A 27 -20.25 -25.35 15.25
C VAL A 27 -19.56 -26.28 14.23
N ASN A 28 -18.64 -27.12 14.71
CA ASN A 28 -17.94 -28.07 13.84
C ASN A 28 -18.63 -29.46 13.77
N GLY A 29 -19.77 -29.57 14.44
CA GLY A 29 -20.59 -30.80 14.38
C GLY A 29 -20.39 -31.70 15.59
N ILE A 30 -19.36 -31.44 16.38
CA ILE A 30 -19.12 -32.27 17.56
C ILE A 30 -20.24 -32.12 18.59
N LYS A 31 -20.67 -33.25 19.14
CA LYS A 31 -21.72 -33.27 20.14
C LYS A 31 -21.12 -33.50 21.52
N LEU A 32 -21.31 -32.54 22.42
CA LEU A 32 -20.90 -32.80 23.80
C LEU A 32 -22.14 -33.22 24.60
N GLN A 33 -21.93 -34.02 25.64
CA GLN A 33 -23.01 -34.45 26.51
C GLN A 33 -22.66 -34.19 27.96
N GLY A 34 -23.68 -33.89 28.77
CA GLY A 34 -23.50 -33.75 30.20
C GLY A 34 -24.53 -32.85 30.83
N GLN A 35 -24.12 -32.14 31.87
CA GLN A 35 -25.03 -31.28 32.62
C GLN A 35 -24.50 -29.85 32.74
N ILE A 36 -25.36 -28.85 32.54
CA ILE A 36 -24.95 -27.45 32.71
C ILE A 36 -24.62 -27.23 34.17
N GLU A 37 -23.35 -26.87 34.41
CA GLU A 37 -22.82 -26.68 35.75
C GLU A 37 -22.90 -25.22 36.16
N SER A 38 -22.53 -24.35 35.24
CA SER A 38 -22.56 -22.92 35.43
C SER A 38 -22.37 -22.27 34.07
N PHE A 39 -22.59 -20.96 34.00
CA PHE A 39 -22.42 -20.24 32.74
C PHE A 39 -22.23 -18.77 33.05
N ASP A 40 -21.60 -18.03 32.14
CA ASP A 40 -21.59 -16.58 32.22
C ASP A 40 -21.89 -15.97 30.85
N GLN A 41 -21.59 -14.70 30.66
CA GLN A 41 -21.83 -14.05 29.36
C GLN A 41 -21.20 -14.77 28.15
N PHE A 42 -20.04 -15.40 28.35
CA PHE A 42 -19.23 -15.93 27.22
C PHE A 42 -18.99 -17.43 27.19
N VAL A 43 -19.16 -18.08 28.34
CA VAL A 43 -18.85 -19.50 28.48
C VAL A 43 -19.93 -20.29 29.24
N ILE A 44 -19.95 -21.59 29.00
CA ILE A 44 -20.78 -22.54 29.75
C ILE A 44 -19.80 -23.59 30.29
N LEU A 45 -19.92 -23.91 31.58
CA LEU A 45 -19.19 -25.04 32.11
C LEU A 45 -20.07 -26.28 32.05
N LEU A 46 -19.62 -27.29 31.31
CA LEU A 46 -20.36 -28.53 31.12
C LEU A 46 -19.73 -29.70 31.91
N LYS A 47 -20.50 -30.24 32.87
CA LYS A 47 -20.07 -31.35 33.71
C LYS A 47 -20.38 -32.70 33.07
N ASN A 48 -19.34 -33.48 32.83
CA ASN A 48 -19.43 -34.76 32.17
C ASN A 48 -18.87 -35.81 33.12
N THR A 49 -17.99 -36.66 32.59
CA THR A 49 -17.08 -37.43 33.42
C THR A 49 -15.99 -36.47 33.95
N VAL A 50 -15.94 -35.27 33.40
CA VAL A 50 -15.05 -34.19 33.84
C VAL A 50 -15.73 -32.82 33.59
N SER A 51 -15.16 -31.77 34.16
CA SER A 51 -15.69 -30.41 34.07
C SER A 51 -14.97 -29.59 32.97
N GLN A 52 -15.70 -29.18 31.93
CA GLN A 52 -15.10 -28.44 30.81
C GLN A 52 -15.77 -27.09 30.49
N MET A 53 -14.93 -26.07 30.24
CA MET A 53 -15.38 -24.75 29.82
C MET A 53 -15.55 -24.66 28.30
N VAL A 54 -16.75 -24.33 27.87
CA VAL A 54 -17.10 -24.28 26.45
C VAL A 54 -17.44 -22.82 26.09
N TYR A 55 -16.76 -22.29 25.09
CA TYR A 55 -17.08 -20.96 24.59
C TYR A 55 -18.41 -20.96 23.79
N LYS A 56 -19.35 -20.11 24.20
CA LYS A 56 -20.62 -19.95 23.47
C LYS A 56 -20.43 -19.65 22.00
N HIS A 57 -19.39 -18.90 21.63
CA HIS A 57 -19.14 -18.61 20.22
C HIS A 57 -18.96 -19.88 19.42
N ALA A 58 -18.57 -20.99 20.08
CA ALA A 58 -18.34 -22.24 19.36
C ALA A 58 -19.57 -23.16 19.40
N ILE A 59 -20.66 -22.68 20.00
CA ILE A 59 -21.87 -23.49 20.21
C ILE A 59 -22.93 -23.16 19.16
N SER A 60 -23.53 -24.19 18.57
CA SER A 60 -24.67 -23.97 17.70
C SER A 60 -25.98 -24.13 18.45
N THR A 61 -26.11 -25.20 19.24
CA THR A 61 -27.39 -25.43 19.90
C THR A 61 -27.21 -26.13 21.24
N VAL A 62 -28.12 -25.81 22.17
CA VAL A 62 -28.18 -26.51 23.45
C VAL A 62 -29.49 -27.29 23.51
N VAL A 63 -29.40 -28.62 23.66
CA VAL A 63 -30.57 -29.49 23.58
C VAL A 63 -30.80 -30.30 24.86
N PRO A 64 -31.93 -30.08 25.55
CA PRO A 64 -32.27 -31.00 26.63
C PRO A 64 -32.68 -32.37 26.09
N SER A 65 -32.38 -33.43 26.85
CA SER A 65 -32.90 -34.78 26.54
C SER A 65 -32.49 -35.75 27.63
N SER B 6 -36.30 -2.58 12.10
CA SER B 6 -35.41 -3.76 11.98
C SER B 6 -36.25 -4.97 11.61
N LEU B 7 -35.60 -6.02 11.10
CA LEU B 7 -36.30 -7.05 10.32
C LEU B 7 -36.47 -8.40 10.99
N GLN B 8 -35.59 -8.73 11.93
CA GLN B 8 -35.58 -10.04 12.58
C GLN B 8 -36.81 -10.36 13.37
N ASP B 9 -37.17 -9.42 14.25
CA ASP B 9 -38.32 -9.58 15.14
C ASP B 9 -39.62 -9.79 14.37
N PRO B 10 -39.95 -8.90 13.40
CA PRO B 10 -41.23 -9.13 12.72
C PRO B 10 -41.21 -10.37 11.84
N PHE B 11 -40.04 -10.73 11.30
CA PHE B 11 -39.90 -11.96 10.49
C PHE B 11 -40.13 -13.20 11.37
N LEU B 12 -39.37 -13.31 12.46
CA LEU B 12 -39.53 -14.40 13.43
C LEU B 12 -40.89 -14.44 14.15
N ASN B 13 -41.40 -13.26 14.51
CA ASN B 13 -42.73 -13.17 15.12
C ASN B 13 -43.88 -13.57 14.19
N ALA B 14 -43.80 -13.25 12.90
CA ALA B 14 -44.83 -13.69 11.95
C ALA B 14 -44.85 -15.22 11.88
N LEU B 15 -43.68 -15.85 11.90
CA LEU B 15 -43.55 -17.31 11.86
C LEU B 15 -44.08 -17.98 13.13
N ARG B 16 -43.63 -17.48 14.27
CA ARG B 16 -44.21 -17.79 15.59
C ARG B 16 -45.75 -17.67 15.63
N ARG B 17 -46.28 -16.48 15.36
CA ARG B 17 -47.73 -16.21 15.44
C ARG B 17 -48.59 -17.06 14.52
N GLU B 18 -48.06 -17.45 13.37
CA GLU B 18 -48.79 -18.33 12.46
C GLU B 18 -48.38 -19.79 12.65
N ARG B 19 -47.50 -20.05 13.61
CA ARG B 19 -47.03 -21.41 13.93
C ARG B 19 -46.60 -22.13 12.65
N VAL B 20 -45.84 -21.44 11.80
CA VAL B 20 -45.42 -22.06 10.55
C VAL B 20 -44.12 -22.82 10.79
N PRO B 21 -44.05 -24.09 10.33
CA PRO B 21 -42.81 -24.83 10.52
C PRO B 21 -41.66 -24.19 9.72
N VAL B 22 -40.48 -24.09 10.33
CA VAL B 22 -39.30 -23.54 9.65
C VAL B 22 -38.14 -24.54 9.51
N SER B 23 -37.26 -24.24 8.57
CA SER B 23 -35.94 -24.82 8.54
C SER B 23 -34.93 -23.76 8.96
N ILE B 24 -34.09 -24.11 9.94
CA ILE B 24 -32.96 -23.27 10.31
C ILE B 24 -31.70 -23.96 9.82
N TYR B 25 -31.01 -23.36 8.84
CA TYR B 25 -29.74 -23.91 8.36
C TYR B 25 -28.62 -23.28 9.18
N LEU B 26 -27.76 -24.13 9.72
CA LEU B 26 -26.59 -23.66 10.47
C LEU B 26 -25.42 -23.36 9.50
N VAL B 27 -24.48 -22.51 9.96
CA VAL B 27 -23.31 -22.13 9.15
C VAL B 27 -22.46 -23.29 8.68
N ASN B 28 -22.55 -24.41 9.41
CA ASN B 28 -21.92 -25.65 8.97
C ASN B 28 -22.78 -26.55 8.06
N GLY B 29 -23.92 -26.07 7.57
CA GLY B 29 -24.71 -26.88 6.64
C GLY B 29 -25.77 -27.78 7.29
N ILE B 30 -25.74 -27.94 8.61
CA ILE B 30 -26.75 -28.76 9.29
C ILE B 30 -28.11 -28.09 9.22
N LYS B 31 -29.13 -28.89 8.96
CA LYS B 31 -30.46 -28.39 8.86
C LYS B 31 -31.27 -28.78 10.10
N LEU B 32 -31.75 -27.78 10.86
CA LEU B 32 -32.69 -28.03 11.96
C LEU B 32 -34.11 -27.73 11.51
N GLN B 33 -35.08 -28.45 12.08
CA GLN B 33 -36.49 -28.18 11.81
C GLN B 33 -37.35 -28.08 13.07
N GLY B 34 -38.40 -27.28 12.98
CA GLY B 34 -39.39 -27.19 14.05
C GLY B 34 -40.20 -25.93 13.93
N GLN B 35 -40.81 -25.52 15.05
CA GLN B 35 -41.53 -24.25 15.14
C GLN B 35 -40.82 -23.27 16.07
N ILE B 36 -40.89 -22.00 15.71
CA ILE B 36 -40.33 -20.96 16.55
C ILE B 36 -41.22 -20.79 17.76
N GLU B 37 -40.65 -21.05 18.93
CA GLU B 37 -41.37 -20.87 20.19
C GLU B 37 -41.17 -19.46 20.73
N SER B 38 -39.94 -18.97 20.63
CA SER B 38 -39.57 -17.67 21.20
C SER B 38 -38.17 -17.31 20.73
N PHE B 39 -37.73 -16.10 21.01
CA PHE B 39 -36.41 -15.68 20.55
C PHE B 39 -36.00 -14.46 21.35
N ASP B 40 -34.71 -14.20 21.42
CA ASP B 40 -34.28 -12.92 22.01
C ASP B 40 -33.17 -12.34 21.13
N GLN B 41 -32.45 -11.36 21.67
CA GLN B 41 -31.35 -10.76 20.91
C GLN B 41 -30.40 -11.80 20.32
N PHE B 42 -30.08 -12.84 21.10
CA PHE B 42 -29.02 -13.79 20.73
C PHE B 42 -29.45 -15.22 20.40
N VAL B 43 -30.63 -15.65 20.86
CA VAL B 43 -30.98 -17.06 20.59
C VAL B 43 -32.39 -17.16 20.02
N ILE B 44 -32.66 -18.29 19.40
CA ILE B 44 -33.99 -18.65 18.96
C ILE B 44 -34.33 -19.97 19.64
N LEU B 45 -35.49 -20.02 20.30
CA LEU B 45 -35.98 -21.33 20.80
C LEU B 45 -36.80 -22.06 19.75
N LEU B 46 -36.27 -23.22 19.31
CA LEU B 46 -36.86 -24.02 18.25
C LEU B 46 -37.52 -25.28 18.82
N LYS B 47 -38.83 -25.44 18.58
CA LYS B 47 -39.59 -26.57 19.14
C LYS B 47 -39.85 -27.66 18.10
N ASN B 48 -39.33 -28.87 18.36
CA ASN B 48 -39.60 -30.05 17.52
C ASN B 48 -40.08 -31.18 18.40
N THR B 49 -39.30 -32.26 18.46
CA THR B 49 -39.57 -33.33 19.44
C THR B 49 -39.12 -32.90 20.85
N VAL B 50 -38.35 -31.81 20.89
CA VAL B 50 -37.83 -31.22 22.13
C VAL B 50 -37.71 -29.69 21.90
N SER B 51 -37.41 -28.94 22.96
CA SER B 51 -37.22 -27.50 22.87
C SER B 51 -35.72 -27.17 22.90
N GLN B 52 -35.17 -26.78 21.75
CA GLN B 52 -33.73 -26.51 21.66
C GLN B 52 -33.38 -25.05 21.42
N MET B 53 -32.38 -24.58 22.14
CA MET B 53 -31.92 -23.21 22.05
C MET B 53 -30.86 -23.10 20.96
N VAL B 54 -31.13 -22.30 19.94
CA VAL B 54 -30.18 -22.13 18.83
C VAL B 54 -29.58 -20.75 18.90
N TYR B 55 -28.24 -20.70 18.91
CA TYR B 55 -27.51 -19.43 18.90
C TYR B 55 -27.54 -18.83 17.51
N LYS B 56 -28.01 -17.59 17.38
CA LYS B 56 -28.08 -16.90 16.07
C LYS B 56 -26.71 -16.85 15.33
N HIS B 57 -25.62 -16.76 16.10
CA HIS B 57 -24.29 -16.64 15.54
C HIS B 57 -23.94 -17.89 14.75
N ALA B 58 -24.64 -18.98 15.02
CA ALA B 58 -24.48 -20.26 14.34
C ALA B 58 -25.41 -20.44 13.14
N ILE B 59 -26.37 -19.53 12.96
CA ILE B 59 -27.37 -19.68 11.90
C ILE B 59 -26.95 -19.00 10.59
N SER B 60 -27.12 -19.70 9.45
CA SER B 60 -27.02 -19.02 8.16
C SER B 60 -28.35 -18.42 7.72
N THR B 61 -29.40 -19.26 7.71
CA THR B 61 -30.70 -18.85 7.18
C THR B 61 -31.91 -19.46 7.94
N VAL B 62 -32.99 -18.68 8.04
CA VAL B 62 -34.27 -19.18 8.54
C VAL B 62 -35.27 -19.08 7.39
N VAL B 63 -35.91 -20.21 7.11
N VAL B 63 -35.94 -20.19 7.12
CA VAL B 63 -36.79 -20.36 5.94
CA VAL B 63 -36.79 -20.30 5.94
C VAL B 63 -38.08 -21.05 6.38
C VAL B 63 -38.06 -21.06 6.32
N PRO B 64 -39.25 -20.54 5.93
CA PRO B 64 -40.49 -21.29 6.08
C PRO B 64 -40.35 -22.64 5.38
N SER B 65 -40.66 -23.74 6.08
N SER B 65 -41.00 -23.63 5.97
CA SER B 65 -40.22 -25.07 5.62
CA SER B 65 -41.25 -24.93 5.35
C SER B 65 -41.22 -25.73 4.69
C SER B 65 -42.65 -25.36 5.77
N GLN C 5 -21.04 1.79 6.86
CA GLN C 5 -21.48 1.09 5.62
C GLN C 5 -21.68 2.02 4.41
N SER C 6 -20.76 2.99 4.25
CA SER C 6 -20.76 3.86 3.07
C SER C 6 -20.71 3.10 1.72
N LEU C 7 -20.40 1.79 1.77
CA LEU C 7 -20.43 0.98 0.55
C LEU C 7 -21.48 -0.09 0.58
N GLN C 8 -21.54 -0.78 1.71
CA GLN C 8 -22.44 -1.89 1.87
C GLN C 8 -23.87 -1.50 1.56
N ASP C 9 -24.33 -0.41 2.19
CA ASP C 9 -25.74 0.00 2.05
C ASP C 9 -26.14 0.44 0.63
N PRO C 10 -25.34 1.29 -0.02
CA PRO C 10 -25.67 1.65 -1.41
C PRO C 10 -25.62 0.46 -2.39
N PHE C 11 -24.67 -0.47 -2.19
CA PHE C 11 -24.61 -1.68 -3.00
C PHE C 11 -25.92 -2.51 -2.91
N LEU C 12 -26.31 -2.83 -1.68
CA LEU C 12 -27.55 -3.59 -1.46
C LEU C 12 -28.82 -2.83 -1.83
N ASN C 13 -28.89 -1.53 -1.53
CA ASN C 13 -30.06 -0.74 -1.94
C ASN C 13 -30.26 -0.69 -3.44
N ALA C 14 -29.17 -0.59 -4.20
CA ALA C 14 -29.28 -0.61 -5.65
C ALA C 14 -29.86 -1.94 -6.14
N LEU C 15 -29.33 -3.06 -5.62
CA LEU C 15 -29.81 -4.38 -6.04
C LEU C 15 -31.27 -4.55 -5.70
N ARG C 16 -31.65 -4.03 -4.53
CA ARG C 16 -33.05 -4.06 -4.08
C ARG C 16 -33.97 -3.15 -4.89
N ARG C 17 -33.59 -1.87 -5.02
CA ARG C 17 -34.45 -0.91 -5.74
C ARG C 17 -34.58 -1.27 -7.22
N GLU C 18 -33.57 -1.94 -7.79
CA GLU C 18 -33.58 -2.34 -9.21
C GLU C 18 -34.09 -3.77 -9.47
N ARG C 19 -34.28 -4.55 -8.40
CA ARG C 19 -34.80 -5.93 -8.47
C ARG C 19 -33.91 -6.88 -9.28
N VAL C 20 -32.62 -6.77 -9.02
CA VAL C 20 -31.59 -7.52 -9.71
C VAL C 20 -31.54 -8.93 -9.13
N PRO C 21 -31.65 -9.98 -10.00
CA PRO C 21 -31.40 -11.32 -9.49
C PRO C 21 -29.97 -11.39 -8.92
N VAL C 22 -29.85 -11.85 -7.68
CA VAL C 22 -28.53 -11.90 -7.03
C VAL C 22 -28.10 -13.32 -6.67
N SER C 23 -26.79 -13.50 -6.53
CA SER C 23 -26.25 -14.70 -5.94
C SER C 23 -25.65 -14.33 -4.60
N ILE C 24 -25.97 -15.09 -3.56
CA ILE C 24 -25.42 -14.85 -2.21
C ILE C 24 -24.71 -16.13 -1.82
N TYR C 25 -23.38 -16.06 -1.76
CA TYR C 25 -22.58 -17.17 -1.36
C TYR C 25 -22.39 -17.13 0.17
N LEU C 26 -22.57 -18.28 0.81
CA LEU C 26 -22.44 -18.38 2.27
C LEU C 26 -21.04 -18.84 2.59
N VAL C 27 -20.60 -18.66 3.83
CA VAL C 27 -19.23 -19.02 4.19
C VAL C 27 -18.93 -20.52 4.04
N ASN C 28 -19.97 -21.35 3.98
CA ASN C 28 -19.72 -22.77 3.79
C ASN C 28 -19.72 -23.15 2.30
N GLY C 29 -19.82 -22.13 1.43
CA GLY C 29 -19.72 -22.37 -0.01
C GLY C 29 -21.07 -22.52 -0.70
N ILE C 30 -22.17 -22.57 0.06
CA ILE C 30 -23.52 -22.72 -0.52
C ILE C 30 -23.92 -21.43 -1.22
N LYS C 31 -24.56 -21.55 -2.37
CA LYS C 31 -24.93 -20.39 -3.16
C LYS C 31 -26.46 -20.31 -3.18
N LEU C 32 -26.99 -19.20 -2.64
CA LEU C 32 -28.43 -18.94 -2.68
C LEU C 32 -28.69 -17.96 -3.79
N GLN C 33 -29.87 -18.05 -4.39
CA GLN C 33 -30.25 -17.11 -5.44
C GLN C 33 -31.65 -16.56 -5.22
N GLY C 34 -31.85 -15.31 -5.65
CA GLY C 34 -33.15 -14.67 -5.56
C GLY C 34 -33.05 -13.16 -5.69
N GLN C 35 -34.04 -12.46 -5.14
CA GLN C 35 -34.05 -11.01 -5.11
C GLN C 35 -34.04 -10.51 -3.68
N ILE C 36 -33.26 -9.46 -3.43
CA ILE C 36 -33.19 -8.85 -2.10
C ILE C 36 -34.47 -8.03 -1.89
N GLU C 37 -35.32 -8.49 -0.97
CA GLU C 37 -36.54 -7.78 -0.62
C GLU C 37 -36.24 -6.61 0.32
N SER C 38 -35.33 -6.84 1.26
CA SER C 38 -34.94 -5.83 2.23
C SER C 38 -33.76 -6.36 3.06
N PHE C 39 -33.25 -5.49 3.92
CA PHE C 39 -32.04 -5.78 4.69
C PHE C 39 -31.96 -4.74 5.80
N ASP C 40 -31.31 -5.12 6.89
CA ASP C 40 -31.03 -4.21 7.97
C ASP C 40 -29.58 -4.40 8.37
N GLN C 41 -29.23 -4.00 9.59
CA GLN C 41 -27.84 -4.12 10.03
C GLN C 41 -27.29 -5.56 10.00
N PHE C 42 -28.16 -6.55 10.25
CA PHE C 42 -27.77 -7.90 10.60
C PHE C 42 -28.18 -8.95 9.60
N VAL C 43 -29.25 -8.69 8.84
CA VAL C 43 -29.86 -9.68 7.96
C VAL C 43 -30.25 -9.17 6.59
N ILE C 44 -30.29 -10.09 5.62
CA ILE C 44 -30.85 -9.81 4.30
C ILE C 44 -32.08 -10.71 4.11
N LEU C 45 -33.19 -10.15 3.64
CA LEU C 45 -34.37 -10.96 3.27
C LEU C 45 -34.31 -11.23 1.76
N LEU C 46 -34.06 -12.49 1.40
CA LEU C 46 -33.94 -12.92 0.02
C LEU C 46 -35.19 -13.69 -0.39
N LYS C 47 -35.80 -13.30 -1.51
CA LYS C 47 -37.04 -13.94 -1.97
C LYS C 47 -36.78 -14.71 -3.26
N ASN C 48 -37.10 -15.99 -3.25
CA ASN C 48 -37.20 -16.75 -4.49
C ASN C 48 -38.60 -17.36 -4.50
N THR C 49 -38.69 -18.65 -4.20
CA THR C 49 -39.95 -19.34 -3.95
C THR C 49 -40.67 -18.82 -2.68
N VAL C 50 -39.93 -18.63 -1.59
CA VAL C 50 -40.46 -17.95 -0.38
C VAL C 50 -39.46 -16.89 0.11
N SER C 51 -39.86 -16.11 1.11
CA SER C 51 -38.99 -15.12 1.73
C SER C 51 -38.12 -15.79 2.82
N GLN C 52 -36.81 -15.75 2.66
CA GLN C 52 -35.92 -16.30 3.70
C GLN C 52 -34.97 -15.27 4.29
N MET C 53 -34.67 -15.43 5.58
CA MET C 53 -33.82 -14.48 6.28
C MET C 53 -32.42 -15.02 6.37
N VAL C 54 -31.47 -14.31 5.78
CA VAL C 54 -30.08 -14.72 5.76
C VAL C 54 -29.31 -13.79 6.70
N TYR C 55 -28.59 -14.35 7.64
CA TYR C 55 -27.71 -13.57 8.51
C TYR C 55 -26.47 -13.17 7.77
N LYS C 56 -26.16 -11.87 7.82
CA LYS C 56 -24.97 -11.32 7.15
C LYS C 56 -23.70 -11.99 7.65
N HIS C 57 -23.65 -12.33 8.94
CA HIS C 57 -22.48 -13.05 9.51
C HIS C 57 -22.16 -14.37 8.77
N ALA C 58 -23.15 -14.94 8.08
CA ALA C 58 -22.93 -16.23 7.37
C ALA C 58 -22.65 -16.04 5.89
N ILE C 59 -22.66 -14.79 5.45
CA ILE C 59 -22.47 -14.49 4.02
C ILE C 59 -20.99 -14.22 3.69
N SER C 60 -20.49 -14.80 2.61
CA SER C 60 -19.18 -14.40 2.14
C SER C 60 -19.24 -13.33 1.08
N THR C 61 -20.08 -13.50 0.04
CA THR C 61 -20.10 -12.57 -1.08
CA THR C 61 -20.12 -12.54 -1.08
C THR C 61 -21.51 -12.40 -1.65
N VAL C 62 -21.80 -11.20 -2.15
CA VAL C 62 -23.06 -10.91 -2.82
C VAL C 62 -22.68 -10.36 -4.18
N VAL C 63 -23.30 -10.91 -5.23
CA VAL C 63 -22.99 -10.52 -6.61
C VAL C 63 -24.26 -10.59 -7.46
N PRO C 64 -24.42 -9.67 -8.44
CA PRO C 64 -25.54 -9.88 -9.34
C PRO C 64 -25.29 -11.18 -10.12
N SER C 65 -26.27 -12.06 -10.14
CA SER C 65 -26.18 -13.26 -10.95
C SER C 65 -26.47 -12.86 -12.40
N GLN D 5 -2.56 3.99 14.55
CA GLN D 5 -2.58 4.06 13.07
C GLN D 5 -3.00 2.71 12.49
N SER D 6 -4.02 2.73 11.63
CA SER D 6 -4.53 1.56 11.02
C SER D 6 -3.43 1.04 10.08
N LEU D 7 -3.25 -0.28 10.03
CA LEU D 7 -2.41 -0.86 8.99
C LEU D 7 -3.33 -1.32 7.86
N GLN D 8 -4.50 -1.84 8.22
CA GLN D 8 -5.46 -2.34 7.24
C GLN D 8 -5.80 -1.29 6.19
N ASP D 9 -6.08 -0.05 6.62
CA ASP D 9 -6.52 0.97 5.71
C ASP D 9 -5.43 1.31 4.66
N PRO D 10 -4.17 1.57 5.11
CA PRO D 10 -3.14 1.84 4.08
C PRO D 10 -2.86 0.68 3.17
N PHE D 11 -2.96 -0.54 3.69
CA PHE D 11 -2.70 -1.68 2.86
C PHE D 11 -3.77 -1.75 1.74
N LEU D 12 -5.05 -1.72 2.12
CA LEU D 12 -6.13 -1.83 1.13
C LEU D 12 -6.23 -0.56 0.27
N ASN D 13 -6.02 0.60 0.87
CA ASN D 13 -5.94 1.84 0.06
C ASN D 13 -4.85 1.84 -1.05
N ALA D 14 -3.66 1.31 -0.73
CA ALA D 14 -2.57 1.18 -1.72
C ALA D 14 -3.01 0.23 -2.84
N LEU D 15 -3.52 -0.96 -2.48
CA LEU D 15 -4.04 -1.89 -3.51
C LEU D 15 -5.13 -1.30 -4.41
N ARG D 16 -6.09 -0.59 -3.78
CA ARG D 16 -7.13 0.12 -4.53
C ARG D 16 -6.56 1.17 -5.51
N ARG D 17 -5.75 2.11 -5.00
CA ARG D 17 -5.16 3.17 -5.86
C ARG D 17 -4.20 2.61 -6.95
N GLU D 18 -3.43 1.56 -6.61
CA GLU D 18 -2.51 0.89 -7.54
C GLU D 18 -3.22 0.21 -8.71
N ARG D 19 -4.46 -0.24 -8.46
CA ARG D 19 -5.31 -0.89 -9.44
C ARG D 19 -4.73 -2.24 -9.85
N VAL D 20 -3.88 -2.82 -9.01
CA VAL D 20 -3.20 -4.10 -9.33
C VAL D 20 -4.14 -5.27 -9.10
N PRO D 21 -3.85 -6.44 -9.69
CA PRO D 21 -4.65 -7.62 -9.40
C PRO D 21 -4.39 -8.05 -7.96
N VAL D 22 -5.44 -8.51 -7.30
CA VAL D 22 -5.32 -8.92 -5.90
CA VAL D 22 -5.42 -8.86 -5.88
C VAL D 22 -5.96 -10.28 -5.70
N SER D 23 -5.39 -11.04 -4.77
CA SER D 23 -5.95 -12.36 -4.45
C SER D 23 -6.56 -12.24 -3.06
N ILE D 24 -7.84 -12.59 -2.94
CA ILE D 24 -8.53 -12.64 -1.66
C ILE D 24 -8.88 -14.07 -1.34
N TYR D 25 -8.26 -14.60 -0.28
CA TYR D 25 -8.58 -15.90 0.20
C TYR D 25 -9.67 -15.88 1.24
N LEU D 26 -10.69 -16.72 1.03
CA LEU D 26 -11.83 -16.82 1.96
C LEU D 26 -11.54 -17.86 3.04
N VAL D 27 -12.22 -17.71 4.19
CA VAL D 27 -12.10 -18.73 5.25
C VAL D 27 -12.42 -20.18 4.79
N ASN D 28 -13.30 -20.36 3.81
CA ASN D 28 -13.58 -21.71 3.31
C ASN D 28 -12.57 -22.19 2.24
N GLY D 29 -11.46 -21.47 2.04
CA GLY D 29 -10.43 -21.92 1.11
C GLY D 29 -10.52 -21.40 -0.32
N ILE D 30 -11.65 -20.81 -0.67
CA ILE D 30 -11.83 -20.26 -2.01
C ILE D 30 -10.99 -19.00 -2.18
N LYS D 31 -10.36 -18.89 -3.33
CA LYS D 31 -9.54 -17.76 -3.66
C LYS D 31 -10.25 -16.92 -4.74
N LEU D 32 -10.55 -15.68 -4.40
CA LEU D 32 -11.12 -14.74 -5.34
C LEU D 32 -10.00 -13.89 -5.93
N GLN D 33 -10.16 -13.47 -7.17
CA GLN D 33 -9.16 -12.63 -7.82
C GLN D 33 -9.85 -11.45 -8.52
N GLY D 34 -9.28 -10.26 -8.37
CA GLY D 34 -9.76 -9.09 -9.12
C GLY D 34 -9.07 -7.82 -8.70
N GLN D 35 -9.66 -6.68 -9.01
CA GLN D 35 -9.13 -5.40 -8.55
C GLN D 35 -9.99 -4.89 -7.39
N ILE D 36 -9.34 -4.33 -6.38
CA ILE D 36 -10.11 -3.69 -5.30
C ILE D 36 -10.63 -2.36 -5.78
N GLU D 37 -11.96 -2.26 -5.86
CA GLU D 37 -12.64 -1.03 -6.27
C GLU D 37 -12.84 -0.03 -5.13
N SER D 38 -13.26 -0.54 -3.97
CA SER D 38 -13.40 0.28 -2.77
C SER D 38 -13.60 -0.68 -1.62
N PHE D 39 -13.61 -0.14 -0.41
CA PHE D 39 -13.81 -0.95 0.78
C PHE D 39 -14.34 0.01 1.82
N ASP D 40 -15.03 -0.52 2.82
CA ASP D 40 -15.40 0.28 3.97
C ASP D 40 -15.06 -0.54 5.22
N GLN D 41 -15.67 -0.22 6.35
CA GLN D 41 -15.37 -0.95 7.59
C GLN D 41 -15.67 -2.45 7.50
N PHE D 42 -16.72 -2.84 6.76
CA PHE D 42 -17.09 -4.26 6.76
C PHE D 42 -16.94 -5.03 5.45
N VAL D 43 -16.87 -4.33 4.32
CA VAL D 43 -16.82 -5.03 3.03
C VAL D 43 -15.75 -4.48 2.09
N ILE D 44 -15.33 -5.33 1.14
CA ILE D 44 -14.48 -4.94 0.04
C ILE D 44 -15.23 -5.21 -1.27
N LEU D 45 -15.21 -4.26 -2.19
CA LEU D 45 -15.81 -4.49 -3.51
C LEU D 45 -14.71 -4.93 -4.46
N LEU D 46 -14.81 -6.17 -4.91
CA LEU D 46 -13.82 -6.75 -5.82
C LEU D 46 -14.33 -6.76 -7.27
N LYS D 47 -13.53 -6.27 -8.22
CA LYS D 47 -13.97 -6.12 -9.61
C LYS D 47 -13.19 -7.08 -10.50
N ASN D 48 -13.88 -8.01 -11.14
CA ASN D 48 -13.28 -8.77 -12.24
C ASN D 48 -14.18 -8.73 -13.48
N THR D 49 -14.77 -9.86 -13.84
CA THR D 49 -15.80 -9.91 -14.89
C THR D 49 -17.05 -9.16 -14.40
N VAL D 50 -17.27 -9.20 -13.09
CA VAL D 50 -18.38 -8.50 -12.44
C VAL D 50 -17.86 -7.81 -11.18
N SER D 51 -18.68 -6.91 -10.62
CA SER D 51 -18.41 -6.25 -9.36
C SER D 51 -19.08 -7.01 -8.20
N GLN D 52 -18.29 -7.53 -7.27
CA GLN D 52 -18.83 -8.30 -6.15
C GLN D 52 -18.47 -7.76 -4.76
N MET D 53 -19.41 -7.88 -3.84
CA MET D 53 -19.19 -7.37 -2.51
C MET D 53 -18.76 -8.51 -1.59
N VAL D 54 -17.58 -8.36 -0.99
CA VAL D 54 -17.05 -9.40 -0.13
C VAL D 54 -17.04 -8.93 1.33
N TYR D 55 -17.62 -9.72 2.23
CA TYR D 55 -17.61 -9.37 3.64
C TYR D 55 -16.26 -9.71 4.21
N LYS D 56 -15.65 -8.75 4.89
CA LYS D 56 -14.33 -8.96 5.47
C LYS D 56 -14.33 -10.14 6.45
N HIS D 57 -15.44 -10.32 7.19
CA HIS D 57 -15.55 -11.44 8.14
C HIS D 57 -15.32 -12.79 7.46
N ALA D 58 -15.58 -12.87 6.16
CA ALA D 58 -15.31 -14.13 5.43
C ALA D 58 -13.89 -14.29 4.87
N ILE D 59 -13.07 -13.26 5.01
CA ILE D 59 -11.71 -13.24 4.44
C ILE D 59 -10.66 -13.67 5.46
N SER D 60 -9.77 -14.58 5.04
CA SER D 60 -8.58 -14.89 5.82
C SER D 60 -7.40 -14.01 5.46
N THR D 61 -7.10 -13.85 4.16
CA THR D 61 -5.92 -13.05 3.75
C THR D 61 -6.09 -12.36 2.40
N VAL D 62 -5.33 -11.27 2.24
CA VAL D 62 -5.35 -10.45 1.03
C VAL D 62 -3.91 -10.23 0.63
N VAL D 63 -3.58 -10.53 -0.64
CA VAL D 63 -2.22 -10.43 -1.17
C VAL D 63 -2.31 -9.87 -2.60
N PRO D 64 -1.40 -8.96 -3.01
CA PRO D 64 -1.33 -8.69 -4.45
C PRO D 64 -0.96 -9.97 -5.20
N SER D 65 -1.61 -10.20 -6.34
N SER D 65 -1.61 -10.25 -6.33
CA SER D 65 -1.25 -11.32 -7.18
CA SER D 65 -1.34 -11.51 -7.02
C SER D 65 0.08 -11.07 -7.88
C SER D 65 -0.20 -11.42 -8.02
N SER E 6 -2.98 -6.17 28.09
CA SER E 6 -2.79 -6.88 26.79
C SER E 6 -1.53 -7.74 26.80
N LEU E 7 -1.71 -8.96 26.30
CA LEU E 7 -0.67 -9.95 26.17
C LEU E 7 -0.37 -10.03 24.70
N GLN E 8 -1.40 -9.82 23.88
CA GLN E 8 -1.31 -9.97 22.45
C GLN E 8 -0.27 -9.05 21.79
N ASP E 9 -0.31 -7.76 22.14
CA ASP E 9 0.58 -6.76 21.52
C ASP E 9 2.06 -7.00 21.84
N PRO E 10 2.40 -7.20 23.14
CA PRO E 10 3.81 -7.48 23.41
C PRO E 10 4.29 -8.80 22.79
N PHE E 11 3.41 -9.79 22.71
CA PHE E 11 3.79 -11.09 22.16
C PHE E 11 4.16 -10.94 20.68
N LEU E 12 3.25 -10.37 19.89
CA LEU E 12 3.50 -10.12 18.47
C LEU E 12 4.64 -9.15 18.25
N ASN E 13 4.70 -8.09 19.07
CA ASN E 13 5.80 -7.12 18.99
C ASN E 13 7.19 -7.71 19.17
N ALA E 14 7.31 -8.70 20.05
CA ALA E 14 8.60 -9.35 20.32
C ALA E 14 9.03 -10.19 19.11
N LEU E 15 8.07 -10.87 18.49
CA LEU E 15 8.34 -11.62 17.25
C LEU E 15 8.72 -10.68 16.11
N ARG E 16 8.02 -9.55 16.03
CA ARG E 16 8.24 -8.58 14.98
C ARG E 16 9.63 -7.95 15.17
N ARG E 17 9.88 -7.42 16.37
CA ARG E 17 11.17 -6.78 16.68
C ARG E 17 12.36 -7.71 16.48
N GLU E 18 12.24 -8.97 16.89
CA GLU E 18 13.36 -9.91 16.82
C GLU E 18 13.42 -10.68 15.50
N ARG E 19 12.52 -10.33 14.58
CA ARG E 19 12.46 -10.95 13.24
C ARG E 19 12.38 -12.48 13.26
N VAL E 20 11.57 -12.99 14.19
CA VAL E 20 11.51 -14.42 14.48
C VAL E 20 10.65 -15.09 13.42
N PRO E 21 11.17 -16.14 12.75
CA PRO E 21 10.27 -16.88 11.84
C PRO E 21 9.08 -17.48 12.59
N VAL E 22 7.88 -17.29 12.05
CA VAL E 22 6.67 -17.79 12.71
C VAL E 22 5.80 -18.60 11.79
N SER E 23 4.97 -19.43 12.40
CA SER E 23 3.85 -20.10 11.76
C SER E 23 2.59 -19.45 12.27
N ILE E 24 1.70 -19.10 11.35
CA ILE E 24 0.40 -18.61 11.71
C ILE E 24 -0.58 -19.62 11.17
N TYR E 25 -1.24 -20.33 12.08
CA TYR E 25 -2.27 -21.28 11.71
C TYR E 25 -3.63 -20.57 11.61
N LEU E 26 -4.33 -20.80 10.51
CA LEU E 26 -5.66 -20.26 10.32
C LEU E 26 -6.71 -21.22 10.89
N VAL E 27 -7.90 -20.69 11.17
CA VAL E 27 -9.02 -21.48 11.73
C VAL E 27 -9.47 -22.64 10.82
N ASN E 28 -9.10 -22.61 9.54
CA ASN E 28 -9.39 -23.71 8.63
C ASN E 28 -8.23 -24.71 8.47
N GLY E 29 -7.21 -24.59 9.32
CA GLY E 29 -6.11 -25.55 9.33
C GLY E 29 -4.92 -25.23 8.45
N ILE E 30 -5.03 -24.20 7.62
CA ILE E 30 -3.96 -23.74 6.73
C ILE E 30 -2.83 -23.15 7.58
N LYS E 31 -1.60 -23.51 7.23
CA LYS E 31 -0.41 -23.04 7.90
C LYS E 31 0.33 -22.00 7.05
N LEU E 32 0.36 -20.75 7.53
CA LEU E 32 1.14 -19.68 6.89
C LEU E 32 2.45 -19.50 7.64
N GLN E 33 3.51 -19.14 6.90
CA GLN E 33 4.83 -18.99 7.49
C GLN E 33 5.51 -17.75 6.94
N GLY E 34 6.32 -17.12 7.79
CA GLY E 34 7.12 -15.96 7.39
C GLY E 34 7.50 -15.12 8.61
N GLN E 35 7.69 -13.83 8.40
CA GLN E 35 7.99 -12.92 9.51
C GLN E 35 6.91 -11.89 9.65
N ILE E 36 6.56 -11.57 10.89
CA ILE E 36 5.59 -10.51 11.16
C ILE E 36 6.29 -9.14 11.00
N GLU E 37 5.78 -8.33 10.07
CA GLU E 37 6.38 -7.02 9.78
C GLU E 37 5.70 -5.90 10.59
N SER E 38 4.40 -6.06 10.81
CA SER E 38 3.55 -5.04 11.41
C SER E 38 2.19 -5.66 11.71
N PHE E 39 1.39 -4.98 12.55
CA PHE E 39 0.04 -5.43 12.90
C PHE E 39 -0.71 -4.21 13.46
N ASP E 40 -2.03 -4.32 13.47
CA ASP E 40 -2.90 -3.34 14.10
C ASP E 40 -3.96 -4.13 14.87
N GLN E 41 -5.05 -3.48 15.25
CA GLN E 41 -6.08 -4.11 16.05
C GLN E 41 -6.72 -5.31 15.34
N PHE E 42 -6.78 -5.28 14.00
CA PHE E 42 -7.47 -6.36 13.30
C PHE E 42 -6.69 -7.30 12.39
N VAL E 43 -5.49 -6.90 11.94
CA VAL E 43 -4.76 -7.66 10.92
C VAL E 43 -3.30 -7.76 11.27
N ILE E 44 -2.61 -8.73 10.67
CA ILE E 44 -1.18 -8.88 10.84
C ILE E 44 -0.56 -8.99 9.42
N LEU E 45 0.52 -8.25 9.21
CA LEU E 45 1.21 -8.34 7.95
C LEU E 45 2.34 -9.36 8.04
N LEU E 46 2.18 -10.42 7.27
CA LEU E 46 3.09 -11.55 7.28
C LEU E 46 3.83 -11.56 5.96
N LYS E 47 5.16 -11.63 6.03
CA LYS E 47 6.00 -11.57 4.83
C LYS E 47 6.82 -12.82 4.71
N ASN E 48 6.69 -13.49 3.57
CA ASN E 48 7.63 -14.53 3.18
C ASN E 48 8.36 -14.08 1.92
N THR E 49 8.01 -14.64 0.76
CA THR E 49 8.51 -14.06 -0.48
C THR E 49 7.78 -12.72 -0.70
N VAL E 50 6.49 -12.70 -0.39
CA VAL E 50 5.71 -11.45 -0.47
C VAL E 50 5.01 -11.18 0.84
N SER E 51 4.47 -9.96 0.94
CA SER E 51 3.76 -9.49 2.11
C SER E 51 2.25 -9.70 1.95
N GLN E 52 1.63 -10.45 2.85
CA GLN E 52 0.16 -10.59 2.83
C GLN E 52 -0.48 -10.07 4.11
N MET E 53 -1.68 -9.51 3.98
CA MET E 53 -2.41 -9.05 5.14
C MET E 53 -3.32 -10.19 5.66
N VAL E 54 -3.17 -10.57 6.92
CA VAL E 54 -4.00 -11.65 7.48
C VAL E 54 -4.98 -11.07 8.50
N TYR E 55 -6.27 -11.42 8.38
CA TYR E 55 -7.23 -10.90 9.37
C TYR E 55 -7.09 -11.75 10.62
N LYS E 56 -6.97 -11.11 11.80
CA LYS E 56 -6.89 -11.86 13.09
C LYS E 56 -8.10 -12.78 13.31
N HIS E 57 -9.27 -12.37 12.82
CA HIS E 57 -10.47 -13.22 12.98
C HIS E 57 -10.28 -14.62 12.33
N ALA E 58 -9.37 -14.75 11.38
CA ALA E 58 -9.20 -16.06 10.72
C ALA E 58 -8.05 -16.84 11.31
N ILE E 59 -7.36 -16.24 12.27
CA ILE E 59 -6.19 -16.85 12.86
C ILE E 59 -6.62 -17.68 14.06
N SER E 60 -6.13 -18.91 14.14
N SER E 60 -6.12 -18.90 14.11
CA SER E 60 -6.24 -19.69 15.38
CA SER E 60 -6.22 -19.75 15.28
C SER E 60 -5.04 -19.49 16.31
C SER E 60 -5.07 -19.52 16.27
N THR E 61 -3.83 -19.71 15.79
CA THR E 61 -2.60 -19.68 16.66
C THR E 61 -1.38 -19.02 16.01
N VAL E 62 -0.56 -18.34 16.81
CA VAL E 62 0.71 -17.75 16.31
C VAL E 62 1.84 -18.38 17.12
N VAL E 63 2.79 -19.03 16.44
CA VAL E 63 3.89 -19.75 17.10
C VAL E 63 5.23 -19.52 16.38
N PRO E 64 6.33 -19.30 17.15
CA PRO E 64 7.68 -19.43 16.54
C PRO E 64 7.86 -20.78 15.84
N SER E 65 8.37 -20.78 14.60
CA SER E 65 8.48 -22.02 13.81
C SER E 65 9.78 -22.81 13.98
N SER F 6 -17.40 -13.96 34.90
CA SER F 6 -17.59 -14.46 36.29
C SER F 6 -17.22 -15.95 36.41
N LEU F 7 -17.16 -16.65 35.29
CA LEU F 7 -16.81 -18.09 35.28
C LEU F 7 -15.48 -18.35 34.56
N GLN F 8 -15.28 -17.67 33.43
CA GLN F 8 -14.10 -17.88 32.57
C GLN F 8 -12.77 -17.54 33.27
N ASP F 9 -12.68 -16.34 33.86
CA ASP F 9 -11.42 -15.89 34.50
C ASP F 9 -11.00 -16.80 35.69
N PRO F 10 -11.91 -17.05 36.65
CA PRO F 10 -11.49 -17.97 37.73
C PRO F 10 -11.15 -19.38 37.21
N PHE F 11 -11.84 -19.84 36.15
CA PHE F 11 -11.58 -21.17 35.58
C PHE F 11 -10.17 -21.23 35.00
N LEU F 12 -9.82 -20.29 34.13
CA LEU F 12 -8.51 -20.25 33.51
C LEU F 12 -7.37 -19.91 34.49
N ASN F 13 -7.60 -18.98 35.40
CA ASN F 13 -6.63 -18.71 36.47
C ASN F 13 -6.32 -19.89 37.39
N ALA F 14 -7.32 -20.74 37.66
CA ALA F 14 -7.10 -21.88 38.56
C ALA F 14 -6.16 -22.88 37.88
N LEU F 15 -6.39 -23.09 36.59
CA LEU F 15 -5.54 -23.93 35.76
C LEU F 15 -4.13 -23.38 35.65
N ARG F 16 -4.03 -22.07 35.45
CA ARG F 16 -2.73 -21.42 35.30
C ARG F 16 -1.96 -21.48 36.62
N ARG F 17 -2.62 -21.02 37.69
CA ARG F 17 -2.03 -20.88 39.01
C ARG F 17 -1.55 -22.23 39.52
N GLU F 18 -2.35 -23.28 39.32
CA GLU F 18 -1.97 -24.60 39.78
C GLU F 18 -1.14 -25.40 38.75
N ARG F 19 -0.83 -24.78 37.61
CA ARG F 19 0.02 -25.37 36.56
C ARG F 19 -0.54 -26.72 36.06
N VAL F 20 -1.85 -26.82 35.94
CA VAL F 20 -2.45 -28.09 35.51
C VAL F 20 -2.39 -28.23 33.98
N PRO F 21 -1.97 -29.42 33.50
CA PRO F 21 -1.90 -29.68 32.05
C PRO F 21 -3.30 -29.61 31.44
N VAL F 22 -3.46 -28.80 30.39
CA VAL F 22 -4.76 -28.62 29.76
C VAL F 22 -4.81 -29.11 28.31
N SER F 23 -6.02 -29.41 27.86
CA SER F 23 -6.32 -29.61 26.44
C SER F 23 -7.17 -28.45 25.99
N ILE F 24 -6.72 -27.73 24.98
CA ILE F 24 -7.54 -26.70 24.36
C ILE F 24 -7.96 -27.24 23.00
N TYR F 25 -9.26 -27.49 22.85
CA TYR F 25 -9.83 -27.89 21.55
C TYR F 25 -10.18 -26.67 20.71
N LEU F 26 -9.77 -26.69 19.44
CA LEU F 26 -10.07 -25.60 18.53
C LEU F 26 -11.33 -25.86 17.71
N VAL F 27 -11.91 -24.80 17.17
CA VAL F 27 -13.13 -24.91 16.37
C VAL F 27 -12.97 -25.82 15.13
N ASN F 28 -11.75 -26.12 14.75
CA ASN F 28 -11.54 -27.03 13.64
C ASN F 28 -11.25 -28.49 14.06
N GLY F 29 -11.42 -28.77 15.36
CA GLY F 29 -11.29 -30.13 15.89
C GLY F 29 -9.90 -30.43 16.45
N ILE F 30 -8.91 -29.61 16.09
CA ILE F 30 -7.55 -29.79 16.51
C ILE F 30 -7.45 -29.60 18.01
N LYS F 31 -6.65 -30.43 18.65
CA LYS F 31 -6.48 -30.36 20.08
C LYS F 31 -5.05 -29.92 20.41
N LEU F 32 -4.93 -28.82 21.16
CA LEU F 32 -3.63 -28.35 21.68
C LEU F 32 -3.46 -28.80 23.14
N GLN F 33 -2.22 -29.04 23.55
CA GLN F 33 -1.95 -29.41 24.94
C GLN F 33 -0.77 -28.65 25.54
N GLY F 34 -0.79 -28.49 26.85
CA GLY F 34 0.30 -27.82 27.56
C GLY F 34 -0.18 -27.09 28.80
N GLN F 35 0.57 -26.06 29.20
CA GLN F 35 0.26 -25.27 30.39
C GLN F 35 -0.18 -23.87 30.00
N ILE F 36 -1.23 -23.37 30.65
CA ILE F 36 -1.63 -21.97 30.52
C ILE F 36 -0.58 -21.07 31.17
N GLU F 37 0.13 -20.31 30.34
CA GLU F 37 1.14 -19.36 30.81
C GLU F 37 0.48 -18.06 31.27
N SER F 38 -0.43 -17.56 30.45
CA SER F 38 -1.19 -16.35 30.74
C SER F 38 -2.32 -16.21 29.74
N PHE F 39 -3.16 -15.20 29.93
CA PHE F 39 -4.28 -14.93 29.04
C PHE F 39 -4.75 -13.50 29.25
N ASP F 40 -5.34 -12.90 28.21
CA ASP F 40 -6.05 -11.62 28.38
C ASP F 40 -7.47 -11.74 27.81
N GLN F 41 -8.06 -10.63 27.41
CA GLN F 41 -9.42 -10.64 26.90
C GLN F 41 -9.61 -11.49 25.62
N PHE F 42 -8.62 -11.47 24.73
CA PHE F 42 -8.73 -12.13 23.41
C PHE F 42 -7.87 -13.38 23.18
N VAL F 43 -6.81 -13.57 23.99
CA VAL F 43 -5.86 -14.67 23.74
C VAL F 43 -5.47 -15.48 25.00
N ILE F 44 -4.95 -16.68 24.77
CA ILE F 44 -4.39 -17.51 25.80
C ILE F 44 -3.01 -17.92 25.28
N LEU F 45 -1.99 -17.72 26.13
CA LEU F 45 -0.62 -18.15 25.81
C LEU F 45 -0.46 -19.54 26.37
N LEU F 46 -0.26 -20.51 25.48
CA LEU F 46 -0.14 -21.90 25.87
C LEU F 46 1.30 -22.37 25.76
N LYS F 47 1.85 -22.88 26.85
CA LYS F 47 3.25 -23.29 26.86
C LYS F 47 3.36 -24.81 26.83
N ASN F 48 4.17 -25.27 25.89
CA ASN F 48 4.29 -26.65 25.53
C ASN F 48 5.77 -26.96 25.49
N THR F 49 6.27 -27.26 24.30
CA THR F 49 7.70 -27.15 24.00
C THR F 49 8.04 -25.66 23.84
N VAL F 50 7.09 -24.89 23.30
CA VAL F 50 7.24 -23.43 23.10
C VAL F 50 6.01 -22.65 23.59
N SER F 51 6.06 -21.34 23.48
CA SER F 51 4.89 -20.50 23.75
C SER F 51 4.15 -20.20 22.47
N GLN F 52 2.89 -20.64 22.40
CA GLN F 52 1.99 -20.25 21.29
C GLN F 52 0.86 -19.35 21.77
N MET F 53 0.55 -18.35 20.96
CA MET F 53 -0.57 -17.51 21.26
C MET F 53 -1.78 -18.07 20.52
N VAL F 54 -2.83 -18.41 21.28
CA VAL F 54 -4.06 -18.96 20.72
C VAL F 54 -5.19 -17.92 20.86
N TYR F 55 -5.85 -17.60 19.76
CA TYR F 55 -6.97 -16.67 19.83
C TYR F 55 -8.17 -17.39 20.42
N LYS F 56 -8.78 -16.80 21.45
CA LYS F 56 -9.99 -17.38 22.06
C LYS F 56 -11.13 -17.61 21.03
N HIS F 57 -11.26 -16.71 20.04
CA HIS F 57 -12.28 -16.91 18.96
C HIS F 57 -12.13 -18.25 18.21
N ALA F 58 -10.95 -18.84 18.29
CA ALA F 58 -10.69 -20.12 17.61
C ALA F 58 -10.85 -21.30 18.58
N ILE F 59 -11.14 -21.01 19.85
CA ILE F 59 -11.25 -22.07 20.86
C ILE F 59 -12.71 -22.47 21.04
N SER F 60 -12.97 -23.77 21.04
CA SER F 60 -14.28 -24.24 21.44
C SER F 60 -14.36 -24.60 22.93
N THR F 61 -13.40 -25.40 23.42
N THR F 61 -13.40 -25.37 23.44
CA THR F 61 -13.40 -25.87 24.81
CA THR F 61 -13.45 -25.77 24.86
C THR F 61 -12.00 -25.81 25.45
C THR F 61 -12.08 -26.05 25.50
N VAL F 62 -11.98 -25.70 26.78
CA VAL F 62 -10.73 -25.82 27.55
C VAL F 62 -10.99 -26.79 28.71
N VAL F 63 -10.19 -27.85 28.80
CA VAL F 63 -10.40 -28.91 29.81
C VAL F 63 -9.05 -29.38 30.38
N PRO F 64 -9.00 -29.74 31.68
CA PRO F 64 -7.76 -30.42 32.15
C PRO F 64 -7.60 -31.74 31.40
N SER F 65 -6.38 -32.05 30.96
N SER F 65 -6.36 -32.09 31.04
CA SER F 65 -6.13 -33.28 30.18
CA SER F 65 -6.08 -33.38 30.36
C SER F 65 -5.97 -34.50 31.06
C SER F 65 -6.18 -34.58 31.31
N SER G 6 17.67 40.31 -14.26
CA SER G 6 18.01 39.20 -15.18
C SER G 6 19.24 39.53 -16.01
N LEU G 7 20.08 38.51 -16.17
CA LEU G 7 21.36 38.65 -16.80
C LEU G 7 21.44 37.70 -17.98
N GLN G 8 20.68 36.61 -17.90
CA GLN G 8 20.56 35.63 -18.98
C GLN G 8 20.15 36.25 -20.35
N ASP G 9 19.04 36.99 -20.37
CA ASP G 9 18.48 37.51 -21.62
C ASP G 9 19.43 38.46 -22.37
N PRO G 10 20.00 39.48 -21.68
CA PRO G 10 20.93 40.36 -22.41
C PRO G 10 22.21 39.62 -22.79
N PHE G 11 22.68 38.72 -21.93
CA PHE G 11 23.83 37.89 -22.27
C PHE G 11 23.55 37.22 -23.62
N LEU G 12 22.45 36.48 -23.71
CA LEU G 12 22.21 35.65 -24.89
C LEU G 12 21.92 36.52 -26.10
N ASN G 13 21.22 37.62 -25.85
CA ASN G 13 20.85 38.54 -26.90
C ASN G 13 22.04 39.22 -27.55
N ALA G 14 22.97 39.72 -26.72
CA ALA G 14 24.18 40.37 -27.24
C ALA G 14 24.98 39.40 -28.10
N LEU G 15 25.03 38.14 -27.67
CA LEU G 15 25.69 37.07 -28.43
C LEU G 15 25.03 36.89 -29.80
N ARG G 16 23.69 36.88 -29.81
CA ARG G 16 22.93 36.74 -31.06
C ARG G 16 23.18 37.96 -31.97
N ARG G 17 23.02 39.15 -31.40
CA ARG G 17 23.16 40.41 -32.11
C ARG G 17 24.53 40.56 -32.78
N GLU G 18 25.60 40.29 -32.04
CA GLU G 18 26.96 40.46 -32.58
C GLU G 18 27.52 39.20 -33.25
N ARG G 19 26.71 38.14 -33.32
CA ARG G 19 27.08 36.88 -33.99
C ARG G 19 28.41 36.35 -33.45
N VAL G 20 28.50 36.28 -32.13
CA VAL G 20 29.67 35.77 -31.43
C VAL G 20 29.67 34.25 -31.58
N PRO G 21 30.75 33.67 -32.13
CA PRO G 21 30.80 32.21 -32.08
C PRO G 21 30.79 31.72 -30.64
N VAL G 22 29.95 30.74 -30.34
CA VAL G 22 29.87 30.19 -29.00
C VAL G 22 30.02 28.67 -28.97
N SER G 23 30.33 28.17 -27.78
CA SER G 23 30.20 26.75 -27.46
C SER G 23 29.13 26.58 -26.38
N ILE G 24 28.21 25.66 -26.62
CA ILE G 24 27.22 25.31 -25.60
C ILE G 24 27.61 23.92 -25.09
N TYR G 25 27.98 23.83 -23.81
CA TYR G 25 28.29 22.54 -23.20
C TYR G 25 27.00 21.98 -22.62
N LEU G 26 26.74 20.72 -22.94
CA LEU G 26 25.57 20.02 -22.41
C LEU G 26 25.90 19.35 -21.07
N VAL G 27 24.87 19.07 -20.28
CA VAL G 27 25.11 18.45 -18.95
C VAL G 27 25.76 17.06 -19.06
N ASN G 28 25.59 16.44 -20.21
CA ASN G 28 26.25 15.16 -20.45
C ASN G 28 27.69 15.30 -20.97
N GLY G 29 28.14 16.53 -21.23
CA GLY G 29 29.54 16.75 -21.57
C GLY G 29 29.77 17.08 -23.04
N ILE G 30 28.75 16.83 -23.86
CA ILE G 30 28.79 17.15 -25.27
C ILE G 30 28.91 18.66 -25.47
N LYS G 31 29.79 19.03 -26.39
CA LYS G 31 30.02 20.43 -26.71
C LYS G 31 29.39 20.68 -28.07
N LEU G 32 28.47 21.64 -28.13
CA LEU G 32 27.94 22.06 -29.41
C LEU G 32 28.60 23.38 -29.78
N GLN G 33 28.69 23.68 -31.06
CA GLN G 33 29.35 24.88 -31.52
C GLN G 33 28.48 25.60 -32.54
N GLY G 34 28.50 26.93 -32.50
CA GLY G 34 27.75 27.73 -33.46
C GLY G 34 27.48 29.15 -32.99
N GLN G 35 26.43 29.73 -33.54
CA GLN G 35 25.99 31.06 -33.16
C GLN G 35 24.58 30.97 -32.63
N ILE G 36 24.26 31.78 -31.63
CA ILE G 36 22.91 31.91 -31.09
C ILE G 36 22.02 32.52 -32.16
N GLU G 37 21.03 31.76 -32.60
CA GLU G 37 20.06 32.25 -33.59
C GLU G 37 18.90 32.98 -32.91
N SER G 38 18.41 32.38 -31.84
CA SER G 38 17.29 32.90 -31.08
C SER G 38 17.13 32.06 -29.82
N PHE G 39 16.19 32.46 -28.97
CA PHE G 39 15.95 31.82 -27.68
C PHE G 39 14.63 32.28 -27.07
N ASP G 40 14.07 31.45 -26.21
CA ASP G 40 12.92 31.83 -25.38
C ASP G 40 13.14 31.41 -23.91
N GLN G 41 12.08 31.33 -23.12
CA GLN G 41 12.18 30.88 -21.73
C GLN G 41 12.91 29.53 -21.58
N PHE G 42 12.64 28.59 -22.48
CA PHE G 42 13.09 27.21 -22.26
C PHE G 42 14.11 26.66 -23.25
N VAL G 43 14.22 27.30 -24.42
CA VAL G 43 15.11 26.79 -25.46
C VAL G 43 16.03 27.85 -26.06
N ILE G 44 17.12 27.37 -26.67
CA ILE G 44 18.01 28.17 -27.46
C ILE G 44 18.16 27.52 -28.85
N LEU G 45 17.98 28.33 -29.90
CA LEU G 45 18.24 27.87 -31.25
C LEU G 45 19.69 28.19 -31.60
N LEU G 46 20.46 27.14 -31.85
CA LEU G 46 21.87 27.25 -32.19
C LEU G 46 22.06 26.93 -33.66
N LYS G 47 22.78 27.81 -34.35
CA LYS G 47 23.03 27.65 -35.78
C LYS G 47 24.49 27.31 -36.07
N ASN G 48 24.72 26.15 -36.69
CA ASN G 48 26.01 25.86 -37.32
C ASN G 48 25.81 25.58 -38.80
N THR G 49 26.05 24.34 -39.23
CA THR G 49 25.66 23.90 -40.58
C THR G 49 24.15 23.65 -40.65
N VAL G 50 23.50 23.49 -39.49
CA VAL G 50 22.04 23.32 -39.37
C VAL G 50 21.51 24.18 -38.20
N SER G 51 20.19 24.32 -38.11
CA SER G 51 19.57 25.04 -36.98
C SER G 51 18.82 24.10 -36.03
N GLN G 52 19.36 23.96 -34.82
CA GLN G 52 18.84 23.01 -33.84
C GLN G 52 18.33 23.66 -32.56
N MET G 53 17.19 23.19 -32.05
CA MET G 53 16.64 23.67 -30.80
C MET G 53 17.25 22.88 -29.62
N VAL G 54 17.88 23.60 -28.69
CA VAL G 54 18.53 23.03 -27.51
C VAL G 54 17.74 23.44 -26.27
N TYR G 55 17.26 22.45 -25.51
CA TYR G 55 16.60 22.76 -24.25
C TYR G 55 17.58 23.33 -23.22
N LYS G 56 17.22 24.43 -22.56
CA LYS G 56 18.10 24.99 -21.53
C LYS G 56 18.38 24.01 -20.39
N HIS G 57 17.43 23.13 -20.09
CA HIS G 57 17.59 22.19 -18.99
C HIS G 57 18.75 21.23 -19.22
N ALA G 58 19.13 21.02 -20.48
CA ALA G 58 20.25 20.13 -20.84
C ALA G 58 21.61 20.86 -20.93
N ILE G 59 21.60 22.19 -20.77
CA ILE G 59 22.84 22.97 -20.98
C ILE G 59 23.49 23.19 -19.63
N SER G 60 24.79 23.01 -19.55
CA SER G 60 25.53 23.47 -18.36
C SER G 60 26.02 24.92 -18.51
N THR G 61 26.72 25.20 -19.62
N THR G 61 26.72 25.22 -19.60
CA THR G 61 27.35 26.51 -19.83
CA THR G 61 27.31 26.55 -19.78
C THR G 61 27.20 26.98 -21.26
C THR G 61 27.35 27.00 -21.23
N VAL G 62 27.11 28.29 -21.43
CA VAL G 62 27.27 28.91 -22.74
C VAL G 62 28.54 29.77 -22.71
N VAL G 63 29.51 29.40 -23.56
CA VAL G 63 30.85 29.98 -23.54
C VAL G 63 31.14 30.73 -24.86
N PRO G 64 31.24 32.06 -24.78
CA PRO G 64 31.61 32.88 -25.93
C PRO G 64 33.09 32.70 -26.30
N SER G 65 33.36 32.76 -27.59
CA SER G 65 34.72 32.90 -28.13
C SER G 65 35.46 34.07 -27.47
N SER H 6 16.89 33.69 2.22
CA SER H 6 17.86 33.27 1.16
C SER H 6 19.30 33.26 1.66
N LEU H 7 20.04 32.23 1.24
CA LEU H 7 21.47 32.10 1.59
C LEU H 7 22.35 32.23 0.35
N GLN H 8 21.73 32.18 -0.82
CA GLN H 8 22.45 32.18 -2.09
C GLN H 8 23.08 33.49 -2.42
N ASP H 9 22.28 34.56 -2.38
CA ASP H 9 22.73 35.88 -2.77
C ASP H 9 23.85 36.41 -1.85
N PRO H 10 23.68 36.33 -0.51
CA PRO H 10 24.76 36.80 0.37
C PRO H 10 26.03 35.98 0.20
N PHE H 11 25.90 34.67 -0.02
CA PHE H 11 27.07 33.80 -0.27
C PHE H 11 27.78 34.21 -1.56
N LEU H 12 27.03 34.25 -2.66
CA LEU H 12 27.64 34.60 -3.96
C LEU H 12 28.13 36.04 -4.00
N ASN H 13 27.36 36.97 -3.39
CA ASN H 13 27.74 38.38 -3.30
C ASN H 13 29.01 38.60 -2.49
N ALA H 14 29.21 37.78 -1.45
CA ALA H 14 30.47 37.81 -0.71
C ALA H 14 31.64 37.56 -1.67
N LEU H 15 31.63 36.39 -2.32
CA LEU H 15 32.66 36.01 -3.31
C LEU H 15 32.86 37.04 -4.43
N ARG H 16 31.76 37.61 -4.93
CA ARG H 16 31.81 38.67 -5.94
C ARG H 16 32.48 39.95 -5.41
N ARG H 17 31.96 40.50 -4.31
CA ARG H 17 32.49 41.72 -3.68
C ARG H 17 33.97 41.62 -3.31
N GLU H 18 34.37 40.51 -2.70
CA GLU H 18 35.78 40.34 -2.30
C GLU H 18 36.63 39.81 -3.48
N ARG H 19 35.99 39.61 -4.64
CA ARG H 19 36.66 39.15 -5.85
C ARG H 19 37.51 37.88 -5.59
N VAL H 20 36.91 36.90 -4.94
CA VAL H 20 37.65 35.69 -4.58
C VAL H 20 37.51 34.61 -5.64
N PRO H 21 38.63 33.99 -6.03
CA PRO H 21 38.59 32.90 -7.01
C PRO H 21 37.72 31.74 -6.50
N VAL H 22 36.81 31.24 -7.34
CA VAL H 22 35.96 30.12 -6.96
C VAL H 22 36.09 28.95 -7.90
N SER H 23 35.83 27.75 -7.38
CA SER H 23 35.62 26.57 -8.20
C SER H 23 34.13 26.25 -8.26
N ILE H 24 33.61 26.05 -9.47
CA ILE H 24 32.21 25.64 -9.64
C ILE H 24 32.26 24.23 -10.20
N TYR H 25 31.79 23.28 -9.39
CA TYR H 25 31.72 21.89 -9.77
C TYR H 25 30.34 21.68 -10.34
N LEU H 26 30.27 21.05 -11.51
CA LEU H 26 28.98 20.79 -12.14
C LEU H 26 28.52 19.38 -11.75
N VAL H 27 27.23 19.13 -11.86
CA VAL H 27 26.66 17.83 -11.55
C VAL H 27 27.34 16.65 -12.27
N ASN H 28 27.94 16.90 -13.43
CA ASN H 28 28.69 15.86 -14.15
C ASN H 28 30.16 15.72 -13.73
N GLY H 29 30.57 16.39 -12.64
CA GLY H 29 31.95 16.26 -12.11
C GLY H 29 32.92 17.30 -12.64
N ILE H 30 32.55 17.96 -13.73
CA ILE H 30 33.43 18.93 -14.38
C ILE H 30 33.63 20.14 -13.48
N LYS H 31 34.89 20.55 -13.35
CA LYS H 31 35.26 21.66 -12.49
C LYS H 31 35.57 22.93 -13.30
N LEU H 32 34.79 23.97 -13.08
CA LEU H 32 35.02 25.29 -13.69
C LEU H 32 35.66 26.25 -12.69
N GLN H 33 36.48 27.16 -13.20
CA GLN H 33 37.21 28.11 -12.37
C GLN H 33 37.13 29.55 -12.89
N GLY H 34 37.09 30.51 -11.95
CA GLY H 34 37.22 31.93 -12.27
C GLY H 34 36.66 32.81 -11.16
N GLN H 35 36.28 34.03 -11.51
CA GLN H 35 35.61 34.90 -10.54
C GLN H 35 34.15 35.08 -10.88
N ILE H 36 33.33 35.25 -9.85
CA ILE H 36 31.92 35.55 -10.03
C ILE H 36 31.75 37.01 -10.45
N GLU H 37 31.32 37.21 -11.69
CA GLU H 37 31.10 38.55 -12.25
C GLU H 37 29.71 39.04 -11.85
N SER H 38 28.72 38.15 -12.00
CA SER H 38 27.39 38.35 -11.44
C SER H 38 26.53 37.09 -11.54
N PHE H 39 25.27 37.22 -11.13
CA PHE H 39 24.35 36.10 -11.11
C PHE H 39 22.92 36.63 -11.09
N ASP H 40 21.98 35.80 -11.51
CA ASP H 40 20.57 36.08 -11.24
C ASP H 40 19.88 34.83 -10.63
N GLN H 41 18.57 34.73 -10.75
CA GLN H 41 17.84 33.59 -10.20
C GLN H 41 18.32 32.27 -10.84
N PHE H 42 18.62 32.28 -12.13
CA PHE H 42 18.90 31.04 -12.86
C PHE H 42 20.33 30.79 -13.32
N VAL H 43 21.16 31.83 -13.46
CA VAL H 43 22.52 31.64 -14.00
C VAL H 43 23.59 32.28 -13.13
N ILE H 44 24.83 31.81 -13.29
CA ILE H 44 25.98 32.49 -12.74
C ILE H 44 26.90 32.84 -13.90
N LEU H 45 27.31 34.10 -13.94
CA LEU H 45 28.36 34.55 -14.86
C LEU H 45 29.73 34.43 -14.22
N LEU H 46 30.53 33.49 -14.72
CA LEU H 46 31.87 33.22 -14.22
C LEU H 46 32.93 33.75 -15.22
N LYS H 47 33.83 34.61 -14.74
CA LYS H 47 34.87 35.23 -15.61
C LYS H 47 36.24 34.59 -15.40
N ASN H 48 36.78 34.05 -16.49
CA ASN H 48 38.13 33.49 -16.56
C ASN H 48 38.83 34.09 -17.77
N THR H 49 39.18 33.27 -18.76
CA THR H 49 39.69 33.79 -20.04
C THR H 49 38.59 34.55 -20.81
N VAL H 50 37.33 34.11 -20.60
CA VAL H 50 36.13 34.80 -21.08
C VAL H 50 35.08 34.84 -19.95
N SER H 51 33.95 35.51 -20.20
CA SER H 51 32.82 35.55 -19.26
C SER H 51 31.80 34.50 -19.71
N GLN H 52 31.66 33.41 -18.95
CA GLN H 52 30.77 32.31 -19.34
C GLN H 52 29.52 32.14 -18.49
N MET H 53 28.40 31.87 -19.14
CA MET H 53 27.13 31.73 -18.43
C MET H 53 26.91 30.29 -18.01
N VAL H 54 26.83 30.07 -16.71
CA VAL H 54 26.65 28.77 -16.09
C VAL H 54 25.22 28.65 -15.54
N TYR H 55 24.49 27.62 -16.00
CA TYR H 55 23.13 27.39 -15.50
C TYR H 55 23.23 26.75 -14.12
N LYS H 56 22.60 27.37 -13.15
CA LYS H 56 22.59 26.83 -11.78
C LYS H 56 22.08 25.39 -11.70
N HIS H 57 21.10 25.05 -12.54
CA HIS H 57 20.58 23.69 -12.59
C HIS H 57 21.68 22.65 -12.82
N ALA H 58 22.76 23.08 -13.45
CA ALA H 58 23.89 22.20 -13.76
C ALA H 58 25.00 22.23 -12.68
N ILE H 59 24.90 23.11 -11.71
CA ILE H 59 25.92 23.25 -10.65
C ILE H 59 25.67 22.28 -9.48
N SER H 60 26.72 21.62 -9.01
CA SER H 60 26.57 20.94 -7.74
C SER H 60 27.04 21.78 -6.53
N THR H 61 28.22 22.39 -6.63
CA THR H 61 28.75 23.19 -5.54
C THR H 61 29.58 24.39 -6.01
N VAL H 62 29.54 25.48 -5.22
CA VAL H 62 30.39 26.63 -5.45
C VAL H 62 31.29 26.75 -4.20
N VAL H 63 32.59 26.88 -4.39
CA VAL H 63 33.57 26.89 -3.28
C VAL H 63 34.74 27.78 -3.65
N PRO H 64 35.26 28.59 -2.69
CA PRO H 64 36.53 29.28 -2.97
C PRO H 64 37.57 28.23 -3.39
N SER H 65 38.32 28.49 -4.46
CA SER H 65 39.35 27.54 -4.91
C SER H 65 40.60 27.67 -4.04
N SER I 6 8.98 19.76 6.11
CA SER I 6 8.07 19.17 7.14
C SER I 6 8.75 17.98 7.80
N LEU I 7 9.40 17.15 6.98
CA LEU I 7 10.40 16.21 7.45
C LEU I 7 11.78 16.78 7.15
N GLN I 8 11.94 17.28 5.92
CA GLN I 8 13.23 17.78 5.48
C GLN I 8 13.76 18.88 6.42
N ASP I 9 12.95 19.88 6.71
CA ASP I 9 13.43 21.03 7.48
C ASP I 9 13.86 20.68 8.91
N PRO I 10 13.01 19.96 9.69
CA PRO I 10 13.48 19.54 11.02
C PRO I 10 14.66 18.57 11.03
N PHE I 11 14.82 17.76 9.99
CA PHE I 11 15.98 16.87 9.87
C PHE I 11 17.27 17.67 9.71
N LEU I 12 17.25 18.65 8.81
CA LEU I 12 18.42 19.52 8.60
C LEU I 12 18.71 20.46 9.77
N ASN I 13 17.64 21.05 10.32
CA ASN I 13 17.77 21.90 11.49
C ASN I 13 18.37 21.22 12.71
N ALA I 14 18.02 19.96 12.96
CA ALA I 14 18.60 19.21 14.08
C ALA I 14 20.08 18.92 13.86
N LEU I 15 20.47 18.61 12.63
CA LEU I 15 21.88 18.43 12.28
C LEU I 15 22.66 19.71 12.45
N ARG I 16 22.09 20.81 11.96
CA ARG I 16 22.70 22.15 12.11
C ARG I 16 22.85 22.59 13.57
N ARG I 17 21.74 22.55 14.32
CA ARG I 17 21.73 22.99 15.74
C ARG I 17 22.53 22.09 16.68
N GLU I 18 22.68 20.81 16.35
CA GLU I 18 23.51 19.92 17.19
C GLU I 18 24.96 19.72 16.68
N ARG I 19 25.30 20.35 15.55
CA ARG I 19 26.66 20.30 14.96
C ARG I 19 27.14 18.86 14.69
N VAL I 20 26.24 18.03 14.17
CA VAL I 20 26.52 16.63 13.86
C VAL I 20 27.38 16.58 12.60
N PRO I 21 28.53 15.87 12.62
CA PRO I 21 29.21 15.67 11.34
C PRO I 21 28.30 14.92 10.36
N VAL I 22 28.20 15.40 9.12
CA VAL I 22 27.31 14.78 8.14
C VAL I 22 28.05 14.34 6.90
N SER I 23 27.46 13.39 6.19
CA SER I 23 27.92 13.02 4.85
C SER I 23 26.84 13.43 3.86
N ILE I 24 27.23 14.13 2.82
CA ILE I 24 26.27 14.50 1.77
C ILE I 24 26.74 13.83 0.50
N TYR I 25 25.90 12.92 -0.01
CA TYR I 25 26.22 12.20 -1.23
C TYR I 25 25.58 12.95 -2.41
N LEU I 26 26.34 13.12 -3.50
CA LEU I 26 25.85 13.91 -4.62
C LEU I 26 25.30 12.94 -5.66
N VAL I 27 24.50 13.46 -6.58
CA VAL I 27 23.96 12.61 -7.65
C VAL I 27 25.03 11.97 -8.54
N ASN I 28 26.25 12.51 -8.56
CA ASN I 28 27.33 11.85 -9.32
C ASN I 28 28.08 10.78 -8.52
N GLY I 29 27.68 10.60 -7.25
CA GLY I 29 28.27 9.60 -6.37
C GLY I 29 29.37 10.13 -5.45
N ILE I 30 29.74 11.40 -5.65
CA ILE I 30 30.80 12.02 -4.84
C ILE I 30 30.26 12.26 -3.43
N LYS I 31 31.10 12.04 -2.43
CA LYS I 31 30.70 12.12 -1.03
C LYS I 31 31.38 13.31 -0.37
N LEU I 32 30.60 14.28 0.09
CA LEU I 32 31.14 15.46 0.77
C LEU I 32 30.92 15.29 2.27
N GLN I 33 31.85 15.80 3.09
CA GLN I 33 31.71 15.72 4.54
C GLN I 33 31.91 17.06 5.21
N GLY I 34 31.11 17.33 6.24
CA GLY I 34 31.31 18.52 7.05
C GLY I 34 30.18 18.76 8.03
N GLN I 35 30.06 19.99 8.49
CA GLN I 35 28.95 20.39 9.36
C GLN I 35 28.03 21.34 8.61
N ILE I 36 26.72 21.08 8.69
CA ILE I 36 25.73 21.97 8.07
C ILE I 36 25.66 23.30 8.80
N GLU I 37 26.09 24.35 8.13
CA GLU I 37 26.11 25.69 8.69
C GLU I 37 24.74 26.34 8.64
N SER I 38 24.09 26.19 7.49
CA SER I 38 22.74 26.71 7.29
C SER I 38 22.23 26.15 5.98
N PHE I 39 20.99 26.50 5.66
CA PHE I 39 20.29 25.96 4.52
C PHE I 39 19.05 26.79 4.26
N ASP I 40 18.61 26.80 3.00
CA ASP I 40 17.37 27.47 2.66
C ASP I 40 16.57 26.55 1.73
N GLN I 41 15.61 27.12 1.01
CA GLN I 41 14.83 26.34 0.06
C GLN I 41 15.69 25.54 -0.95
N PHE I 42 16.83 26.10 -1.37
CA PHE I 42 17.60 25.59 -2.52
C PHE I 42 19.03 25.06 -2.23
N VAL I 43 19.65 25.52 -1.16
CA VAL I 43 21.07 25.18 -0.88
C VAL I 43 21.37 24.80 0.57
N ILE I 44 22.44 24.03 0.75
CA ILE I 44 23.03 23.75 2.07
C ILE I 44 24.47 24.33 2.14
N LEU I 45 24.76 25.13 3.15
CA LEU I 45 26.13 25.63 3.36
C LEU I 45 26.89 24.59 4.21
N LEU I 46 27.87 23.93 3.59
CA LEU I 46 28.63 22.89 4.28
C LEU I 46 30.04 23.39 4.61
N LYS I 47 30.41 23.29 5.88
CA LYS I 47 31.73 23.76 6.31
C LYS I 47 32.61 22.60 6.75
N ASN I 48 33.78 22.47 6.13
CA ASN I 48 34.84 21.57 6.60
C ASN I 48 36.19 22.27 6.63
N THR I 49 37.08 21.89 5.72
CA THR I 49 38.34 22.60 5.48
C THR I 49 38.01 23.98 4.90
N VAL I 50 37.03 24.03 4.00
CA VAL I 50 36.52 25.29 3.45
C VAL I 50 34.99 25.29 3.56
N SER I 51 34.38 26.45 3.31
CA SER I 51 32.94 26.62 3.44
C SER I 51 32.26 26.69 2.06
N GLN I 52 31.48 25.66 1.71
CA GLN I 52 30.96 25.50 0.35
C GLN I 52 29.44 25.41 0.24
N MET I 53 28.89 26.03 -0.81
CA MET I 53 27.46 26.02 -1.07
C MET I 53 27.10 24.89 -2.02
N VAL I 54 26.23 24.00 -1.56
CA VAL I 54 25.81 22.81 -2.29
C VAL I 54 24.35 23.01 -2.63
N TYR I 55 24.03 22.91 -3.91
CA TYR I 55 22.62 22.96 -4.34
C TYR I 55 21.92 21.66 -4.04
N LYS I 56 20.75 21.75 -3.42
CA LYS I 56 19.92 20.54 -3.08
C LYS I 56 19.65 19.68 -4.32
N HIS I 57 19.38 20.33 -5.45
CA HIS I 57 19.15 19.58 -6.71
C HIS I 57 20.26 18.58 -7.09
N ALA I 58 21.46 18.82 -6.57
CA ALA I 58 22.60 17.95 -6.86
C ALA I 58 22.81 16.89 -5.78
N ILE I 59 22.01 16.94 -4.71
CA ILE I 59 22.21 16.00 -3.59
C ILE I 59 21.33 14.76 -3.75
N SER I 60 21.91 13.59 -3.53
CA SER I 60 21.09 12.41 -3.42
C SER I 60 20.68 12.08 -1.99
N THR I 61 21.64 12.05 -1.06
N THR I 61 21.65 12.00 -1.07
CA THR I 61 21.34 11.66 0.31
CA THR I 61 21.31 11.70 0.32
C THR I 61 22.15 12.43 1.36
C THR I 61 22.10 12.54 1.31
N VAL I 62 21.52 12.75 2.49
CA VAL I 62 22.20 13.39 3.64
C VAL I 62 22.11 12.40 4.83
N VAL I 63 23.27 12.03 5.39
CA VAL I 63 23.35 11.07 6.52
C VAL I 63 24.28 11.62 7.61
N PRO I 64 23.96 11.37 8.91
CA PRO I 64 24.96 11.58 9.96
C PRO I 64 26.18 10.71 9.74
N SER I 65 27.36 11.34 9.75
CA SER I 65 28.62 10.64 9.56
C SER I 65 28.95 9.67 10.71
N GLN J 5 -6.15 11.97 -5.24
CA GLN J 5 -5.98 10.88 -6.25
C GLN J 5 -4.48 10.61 -6.49
N SER J 6 -3.65 11.01 -5.53
CA SER J 6 -2.26 10.65 -5.52
C SER J 6 -2.15 9.11 -5.53
N LEU J 7 -1.21 8.61 -6.32
CA LEU J 7 -0.77 7.22 -6.26
C LEU J 7 0.50 7.13 -5.39
N GLN J 8 1.38 8.11 -5.57
CA GLN J 8 2.62 8.18 -4.80
C GLN J 8 2.39 8.10 -3.27
N ASP J 9 1.48 8.92 -2.75
CA ASP J 9 1.28 8.99 -1.30
C ASP J 9 0.77 7.66 -0.70
N PRO J 10 -0.28 7.07 -1.28
CA PRO J 10 -0.71 5.74 -0.80
C PRO J 10 0.36 4.64 -0.94
N PHE J 11 1.14 4.66 -2.03
CA PHE J 11 2.18 3.65 -2.22
C PHE J 11 3.21 3.79 -1.10
N LEU J 12 3.67 5.04 -0.87
CA LEU J 12 4.71 5.23 0.14
C LEU J 12 4.13 5.10 1.56
N ASN J 13 2.92 5.58 1.82
CA ASN J 13 2.37 5.39 3.15
C ASN J 13 2.16 3.91 3.54
N ALA J 14 1.84 3.07 2.54
CA ALA J 14 1.63 1.66 2.78
C ALA J 14 2.97 1.08 3.16
N LEU J 15 4.03 1.38 2.41
CA LEU J 15 5.38 0.90 2.73
C LEU J 15 5.84 1.31 4.12
N ARG J 16 5.68 2.60 4.46
CA ARG J 16 5.91 3.13 5.79
C ARG J 16 5.17 2.33 6.88
N ARG J 17 3.85 2.23 6.74
CA ARG J 17 3.02 1.63 7.80
C ARG J 17 3.25 0.12 7.89
N GLU J 18 3.54 -0.52 6.75
CA GLU J 18 3.81 -1.94 6.73
C GLU J 18 5.15 -2.31 7.36
N ARG J 19 6.09 -1.35 7.37
CA ARG J 19 7.40 -1.50 7.98
C ARG J 19 8.25 -2.53 7.23
N VAL J 20 7.93 -2.78 5.97
CA VAL J 20 8.63 -3.80 5.14
C VAL J 20 9.98 -3.30 4.60
N PRO J 21 10.88 -4.23 4.18
CA PRO J 21 12.13 -3.75 3.58
C PRO J 21 11.83 -3.16 2.21
N VAL J 22 12.51 -2.08 1.86
CA VAL J 22 12.30 -1.47 0.56
CA VAL J 22 12.30 -1.37 0.61
C VAL J 22 13.63 -1.25 -0.14
N SER J 23 13.57 -1.27 -1.48
CA SER J 23 14.75 -0.98 -2.28
C SER J 23 14.44 0.33 -3.00
N ILE J 24 15.36 1.29 -2.86
CA ILE J 24 15.28 2.56 -3.55
C ILE J 24 16.46 2.63 -4.51
N TYR J 25 16.16 2.67 -5.80
CA TYR J 25 17.17 2.77 -6.84
C TYR J 25 17.34 4.25 -7.19
N LEU J 26 18.59 4.74 -7.15
CA LEU J 26 18.88 6.13 -7.49
C LEU J 26 19.19 6.26 -8.97
N VAL J 27 18.99 7.46 -9.53
CA VAL J 27 19.29 7.71 -10.95
C VAL J 27 20.73 7.34 -11.36
N ASN J 28 21.68 7.52 -10.44
CA ASN J 28 23.06 7.11 -10.71
C ASN J 28 23.34 5.61 -10.58
N GLY J 29 22.31 4.78 -10.36
CA GLY J 29 22.49 3.33 -10.28
C GLY J 29 22.62 2.71 -8.89
N ILE J 30 22.87 3.53 -7.88
CA ILE J 30 22.99 3.02 -6.53
C ILE J 30 21.65 2.46 -6.05
N LYS J 31 21.69 1.31 -5.40
CA LYS J 31 20.52 0.80 -4.69
C LYS J 31 20.65 0.99 -3.19
N LEU J 32 19.68 1.71 -2.61
CA LEU J 32 19.56 1.82 -1.17
C LEU J 32 18.54 0.81 -0.63
N GLN J 33 18.75 0.32 0.59
CA GLN J 33 17.81 -0.63 1.22
C GLN J 33 17.57 -0.26 2.67
N GLY J 34 16.32 -0.37 3.10
CA GLY J 34 15.96 -0.18 4.52
C GLY J 34 14.46 -0.05 4.67
N GLN J 35 14.00 0.53 5.78
CA GLN J 35 12.57 0.76 5.96
C GLN J 35 12.27 2.24 5.75
N ILE J 36 11.12 2.54 5.17
CA ILE J 36 10.69 3.94 5.09
C ILE J 36 10.11 4.35 6.44
N GLU J 37 10.75 5.34 7.07
CA GLU J 37 10.34 5.86 8.37
C GLU J 37 9.28 6.92 8.19
N SER J 38 9.49 7.79 7.22
CA SER J 38 8.56 8.89 6.93
C SER J 38 8.91 9.47 5.56
N PHE J 39 8.08 10.36 5.05
CA PHE J 39 8.36 11.04 3.77
C PHE J 39 7.56 12.33 3.76
N ASP J 40 7.98 13.30 2.97
CA ASP J 40 7.16 14.46 2.75
C ASP J 40 7.17 14.74 1.26
N GLN J 41 6.88 15.98 0.86
CA GLN J 41 6.78 16.33 -0.55
C GLN J 41 8.06 15.99 -1.35
N PHE J 42 9.22 16.22 -0.74
CA PHE J 42 10.49 16.24 -1.44
C PHE J 42 11.50 15.15 -1.03
N VAL J 43 11.34 14.60 0.17
CA VAL J 43 12.29 13.61 0.69
C VAL J 43 11.66 12.36 1.30
N ILE J 44 12.46 11.28 1.36
CA ILE J 44 12.09 10.06 2.04
C ILE J 44 13.17 9.77 3.08
N LEU J 45 12.74 9.47 4.31
CA LEU J 45 13.70 9.12 5.37
C LEU J 45 13.76 7.59 5.39
N LEU J 46 14.93 7.07 5.03
CA LEU J 46 15.13 5.61 4.96
C LEU J 46 15.98 5.14 6.15
N LYS J 47 15.49 4.11 6.85
CA LYS J 47 16.20 3.54 8.02
C LYS J 47 16.83 2.15 7.77
N ASN J 48 18.16 2.06 7.92
CA ASN J 48 18.81 0.75 8.00
C ASN J 48 19.72 0.69 9.23
N THR J 49 21.04 0.74 9.04
CA THR J 49 21.95 0.92 10.18
C THR J 49 21.93 2.38 10.69
N VAL J 50 21.50 3.31 9.84
CA VAL J 50 21.34 4.74 10.19
C VAL J 50 20.06 5.32 9.52
N SER J 51 19.60 6.49 9.97
CA SER J 51 18.46 7.16 9.33
C SER J 51 18.97 8.20 8.35
N GLN J 52 18.68 8.00 7.07
CA GLN J 52 19.21 8.88 6.02
C GLN J 52 18.10 9.55 5.22
N MET J 53 18.33 10.81 4.87
CA MET J 53 17.33 11.57 4.15
C MET J 53 17.62 11.53 2.66
N VAL J 54 16.71 10.94 1.90
CA VAL J 54 16.92 10.73 0.45
C VAL J 54 16.03 11.73 -0.32
N TYR J 55 16.63 12.53 -1.21
CA TYR J 55 15.82 13.41 -2.07
C TYR J 55 15.13 12.60 -3.16
N LYS J 56 13.83 12.78 -3.27
CA LYS J 56 13.09 12.11 -4.33
C LYS J 56 13.61 12.45 -5.72
N HIS J 57 14.11 13.69 -5.92
CA HIS J 57 14.67 14.04 -7.22
C HIS J 57 15.82 13.12 -7.68
N ALA J 58 16.50 12.48 -6.74
CA ALA J 58 17.59 11.55 -7.07
C ALA J 58 17.13 10.10 -7.28
N ILE J 59 15.85 9.84 -7.05
CA ILE J 59 15.30 8.47 -7.09
C ILE J 59 14.73 8.09 -8.48
N SER J 60 15.04 6.91 -8.96
CA SER J 60 14.34 6.48 -10.15
C SER J 60 13.14 5.58 -9.84
N THR J 61 13.31 4.65 -8.90
N THR J 61 13.31 4.60 -8.95
CA THR J 61 12.29 3.64 -8.62
CA THR J 61 12.23 3.66 -8.61
C THR J 61 12.27 3.24 -7.15
C THR J 61 12.25 3.26 -7.15
N VAL J 62 11.07 2.90 -6.65
CA VAL J 62 10.91 2.38 -5.29
C VAL J 62 10.13 1.07 -5.39
N VAL J 63 10.63 0.05 -4.71
CA VAL J 63 10.03 -1.29 -4.82
C VAL J 63 10.16 -1.99 -3.48
N PRO J 64 9.10 -2.70 -3.02
CA PRO J 64 9.37 -3.53 -1.83
C PRO J 64 10.40 -4.60 -2.18
N SER J 65 11.32 -4.84 -1.24
N SER J 65 11.32 -4.87 -1.26
CA SER J 65 12.38 -5.81 -1.38
CA SER J 65 12.37 -5.85 -1.50
C SER J 65 11.85 -7.25 -1.36
C SER J 65 11.88 -7.29 -1.27
N SER K 6 -3.23 18.16 -23.41
CA SER K 6 -2.46 17.13 -22.64
C SER K 6 -2.51 15.78 -23.36
N LEU K 7 -1.33 15.17 -23.49
CA LEU K 7 -1.14 14.00 -24.33
C LEU K 7 -0.69 12.87 -23.46
N GLN K 8 0.06 13.23 -22.42
CA GLN K 8 0.60 12.28 -21.50
C GLN K 8 -0.45 11.31 -20.90
N ASP K 9 -1.54 11.87 -20.36
CA ASP K 9 -2.57 11.05 -19.70
C ASP K 9 -3.29 10.07 -20.62
N PRO K 10 -3.82 10.55 -21.77
CA PRO K 10 -4.49 9.59 -22.67
C PRO K 10 -3.52 8.51 -23.20
N PHE K 11 -2.26 8.89 -23.47
CA PHE K 11 -1.25 7.94 -23.98
C PHE K 11 -1.01 6.84 -22.95
N LEU K 12 -0.72 7.22 -21.72
CA LEU K 12 -0.55 6.24 -20.62
C LEU K 12 -1.84 5.49 -20.32
N ASN K 13 -2.99 6.17 -20.34
CA ASN K 13 -4.24 5.46 -20.07
C ASN K 13 -4.54 4.38 -21.10
N ALA K 14 -4.22 4.61 -22.37
CA ALA K 14 -4.43 3.60 -23.42
C ALA K 14 -3.61 2.33 -23.15
N LEU K 15 -2.34 2.50 -22.81
CA LEU K 15 -1.48 1.37 -22.45
C LEU K 15 -2.00 0.64 -21.19
N ARG K 16 -2.47 1.41 -20.22
CA ARG K 16 -2.98 0.87 -18.95
C ARG K 16 -4.28 0.07 -19.18
N ARG K 17 -5.26 0.69 -19.82
CA ARG K 17 -6.57 0.05 -20.06
C ARG K 17 -6.49 -1.16 -21.00
N GLU K 18 -5.60 -1.10 -21.98
CA GLU K 18 -5.43 -2.21 -22.91
C GLU K 18 -4.39 -3.24 -22.44
N ARG K 19 -3.78 -3.01 -21.27
CA ARG K 19 -2.79 -3.94 -20.67
C ARG K 19 -1.65 -4.29 -21.66
N VAL K 20 -1.17 -3.26 -22.35
CA VAL K 20 -0.12 -3.38 -23.36
C VAL K 20 1.23 -3.53 -22.67
N PRO K 21 1.98 -4.61 -22.99
CA PRO K 21 3.37 -4.78 -22.53
C PRO K 21 4.26 -3.61 -22.96
N VAL K 22 4.88 -2.93 -22.00
CA VAL K 22 5.68 -1.74 -22.33
C VAL K 22 7.15 -1.83 -21.95
N SER K 23 7.96 -1.04 -22.65
CA SER K 23 9.27 -0.68 -22.18
C SER K 23 9.26 0.76 -21.65
N ILE K 24 9.78 0.96 -20.43
CA ILE K 24 10.07 2.29 -19.90
C ILE K 24 11.59 2.47 -19.86
N TYR K 25 12.13 3.34 -20.72
CA TYR K 25 13.55 3.69 -20.68
C TYR K 25 13.82 4.79 -19.66
N LEU K 26 14.82 4.58 -18.81
CA LEU K 26 15.17 5.55 -17.82
C LEU K 26 16.22 6.50 -18.41
N VAL K 27 16.36 7.71 -17.84
CA VAL K 27 17.39 8.68 -18.33
C VAL K 27 18.84 8.20 -18.19
N ASN K 28 19.09 7.17 -17.39
CA ASN K 28 20.43 6.54 -17.33
C ASN K 28 20.56 5.35 -18.28
N GLY K 29 19.58 5.15 -19.15
CA GLY K 29 19.68 4.08 -20.15
C GLY K 29 19.17 2.70 -19.71
N ILE K 30 18.81 2.55 -18.42
CA ILE K 30 18.17 1.31 -17.92
C ILE K 30 16.78 1.13 -18.55
N LYS K 31 16.51 -0.08 -19.03
CA LYS K 31 15.22 -0.40 -19.63
C LYS K 31 14.39 -1.29 -18.69
N LEU K 32 13.25 -0.76 -18.24
CA LEU K 32 12.29 -1.50 -17.41
C LEU K 32 11.15 -2.01 -18.28
N GLN K 33 10.66 -3.22 -18.02
CA GLN K 33 9.52 -3.77 -18.74
C GLN K 33 8.39 -4.26 -17.84
N GLY K 34 7.18 -4.22 -18.37
CA GLY K 34 6.02 -4.72 -17.62
C GLY K 34 4.77 -4.10 -18.17
N GLN K 35 3.74 -3.99 -17.32
CA GLN K 35 2.49 -3.35 -17.68
C GLN K 35 2.22 -2.17 -16.76
N ILE K 36 1.66 -1.12 -17.32
CA ILE K 36 1.30 0.07 -16.55
C ILE K 36 -0.02 -0.18 -15.83
N GLU K 37 0.03 -0.12 -14.50
CA GLU K 37 -1.15 -0.43 -13.68
C GLU K 37 -1.93 0.83 -13.33
N SER K 38 -1.19 1.92 -13.10
CA SER K 38 -1.74 3.20 -12.64
C SER K 38 -0.65 4.25 -12.72
N PHE K 39 -1.04 5.51 -12.61
CA PHE K 39 -0.08 6.61 -12.61
C PHE K 39 -0.79 7.82 -11.99
N ASP K 40 0.00 8.80 -11.54
CA ASP K 40 -0.51 10.11 -11.14
C ASP K 40 0.39 11.17 -11.78
N GLN K 41 0.36 12.37 -11.28
CA GLN K 41 1.13 13.46 -11.83
C GLN K 41 2.65 13.20 -11.86
N PHE K 42 3.18 12.44 -10.89
CA PHE K 42 4.63 12.31 -10.79
C PHE K 42 5.19 10.89 -10.98
N VAL K 43 4.38 9.86 -10.78
CA VAL K 43 4.91 8.48 -10.83
C VAL K 43 4.06 7.58 -11.70
N ILE K 44 4.65 6.46 -12.11
CA ILE K 44 3.93 5.43 -12.83
C ILE K 44 4.18 4.14 -12.07
N LEU K 45 3.13 3.34 -11.89
CA LEU K 45 3.33 2.02 -11.36
C LEU K 45 3.47 1.02 -12.49
N LEU K 46 4.61 0.34 -12.48
CA LEU K 46 4.93 -0.67 -13.50
C LEU K 46 4.97 -2.02 -12.82
N LYS K 47 4.18 -2.97 -13.35
CA LYS K 47 4.17 -4.32 -12.81
C LYS K 47 4.78 -5.29 -13.79
N ASN K 48 5.78 -6.03 -13.34
CA ASN K 48 6.20 -7.25 -14.05
C ASN K 48 5.89 -8.45 -13.18
N THR K 49 6.90 -8.97 -12.47
CA THR K 49 6.70 -9.99 -11.44
C THR K 49 6.14 -9.30 -10.20
N VAL K 50 6.72 -8.14 -9.89
CA VAL K 50 6.24 -7.25 -8.81
C VAL K 50 5.95 -5.85 -9.32
N SER K 51 5.24 -5.07 -8.49
CA SER K 51 4.91 -3.68 -8.79
C SER K 51 5.95 -2.71 -8.23
N GLN K 52 6.47 -1.84 -9.09
CA GLN K 52 7.43 -0.84 -8.66
C GLN K 52 6.91 0.54 -9.07
N MET K 53 7.17 1.52 -8.21
CA MET K 53 6.78 2.91 -8.50
C MET K 53 7.97 3.61 -9.15
N VAL K 54 7.77 4.10 -10.37
CA VAL K 54 8.85 4.75 -11.13
C VAL K 54 8.56 6.24 -11.16
N TYR K 55 9.53 7.09 -10.83
CA TYR K 55 9.28 8.56 -10.84
C TYR K 55 9.42 9.04 -12.26
N LYS K 56 8.44 9.80 -12.75
CA LYS K 56 8.53 10.34 -14.11
C LYS K 56 9.80 11.14 -14.39
N HIS K 57 10.34 11.82 -13.38
CA HIS K 57 11.54 12.63 -13.60
C HIS K 57 12.74 11.79 -14.07
N ALA K 58 12.71 10.50 -13.78
CA ALA K 58 13.78 9.56 -14.17
C ALA K 58 13.50 8.93 -15.52
N ILE K 59 12.31 9.17 -16.07
CA ILE K 59 11.95 8.49 -17.32
C ILE K 59 12.34 9.27 -18.55
N SER K 60 12.92 8.56 -19.49
CA SER K 60 13.20 9.08 -20.82
C SER K 60 12.00 8.84 -21.75
N THR K 61 11.65 7.59 -21.97
CA THR K 61 10.70 7.21 -23.02
C THR K 61 9.77 6.08 -22.55
N VAL K 62 8.51 6.10 -23.01
CA VAL K 62 7.57 5.00 -22.74
C VAL K 62 7.09 4.46 -24.09
N VAL K 63 7.32 3.17 -24.36
CA VAL K 63 7.04 2.55 -25.68
C VAL K 63 6.44 1.16 -25.53
N PRO K 64 5.37 0.84 -26.30
CA PRO K 64 4.93 -0.57 -26.31
C PRO K 64 6.11 -1.46 -26.75
N SER K 65 6.26 -2.64 -26.15
N SER K 65 6.27 -2.60 -26.10
CA SER K 65 7.38 -3.51 -26.48
CA SER K 65 7.46 -3.43 -26.29
C SER K 65 7.11 -4.40 -27.69
C SER K 65 7.21 -4.61 -27.22
N SER L 6 7.16 30.48 -27.29
CA SER L 6 7.50 31.69 -28.10
C SER L 6 8.47 31.34 -29.24
N LEU L 7 9.30 30.32 -29.03
CA LEU L 7 10.11 29.76 -30.10
C LEU L 7 9.91 28.26 -30.20
N GLN L 8 9.84 27.59 -29.05
CA GLN L 8 9.70 26.14 -28.96
C GLN L 8 8.47 25.65 -29.70
N ASP L 9 7.31 26.17 -29.30
CA ASP L 9 6.03 25.79 -29.88
C ASP L 9 6.02 25.91 -31.42
N PRO L 10 6.29 27.12 -31.98
CA PRO L 10 6.31 27.17 -33.47
C PRO L 10 7.34 26.25 -34.14
N PHE L 11 8.54 26.14 -33.56
CA PHE L 11 9.59 25.27 -34.08
C PHE L 11 9.05 23.86 -34.17
N LEU L 12 8.53 23.34 -33.06
CA LEU L 12 7.97 21.99 -33.02
C LEU L 12 6.73 21.81 -33.92
N ASN L 13 5.76 22.73 -33.81
CA ASN L 13 4.60 22.73 -34.70
C ASN L 13 4.91 22.72 -36.21
N ALA L 14 5.91 23.49 -36.64
CA ALA L 14 6.27 23.53 -38.05
C ALA L 14 6.78 22.16 -38.48
N LEU L 15 7.63 21.56 -37.65
CA LEU L 15 8.11 20.19 -37.89
C LEU L 15 6.98 19.16 -37.94
N ARG L 16 6.03 19.32 -37.03
CA ARG L 16 4.88 18.44 -36.91
C ARG L 16 3.95 18.62 -38.11
N ARG L 17 3.52 19.87 -38.36
CA ARG L 17 2.59 20.17 -39.47
C ARG L 17 3.16 19.74 -40.80
N GLU L 18 4.47 19.90 -40.95
CA GLU L 18 5.13 19.61 -42.22
C GLU L 18 5.71 18.18 -42.31
N ARG L 19 5.41 17.35 -41.32
CA ARG L 19 5.83 15.93 -41.32
C ARG L 19 7.33 15.79 -41.62
N VAL L 20 8.15 16.65 -41.02
CA VAL L 20 9.58 16.70 -41.33
C VAL L 20 10.31 15.65 -40.49
N PRO L 21 11.13 14.79 -41.12
CA PRO L 21 11.86 13.75 -40.38
C PRO L 21 12.86 14.38 -39.42
N VAL L 22 12.80 14.00 -38.14
CA VAL L 22 13.65 14.65 -37.12
C VAL L 22 14.57 13.71 -36.35
N SER L 23 15.63 14.30 -35.78
CA SER L 23 16.45 13.64 -34.80
C SER L 23 16.24 14.32 -33.44
N ILE L 24 15.97 13.49 -32.43
CA ILE L 24 15.85 13.93 -31.05
C ILE L 24 16.98 13.26 -30.27
N TYR L 25 17.88 14.07 -29.73
CA TYR L 25 18.99 13.56 -28.93
C TYR L 25 18.57 13.62 -27.47
N LEU L 26 18.84 12.55 -26.74
CA LEU L 26 18.47 12.48 -25.35
C LEU L 26 19.66 12.90 -24.51
N VAL L 27 19.43 13.15 -23.22
CA VAL L 27 20.49 13.63 -22.36
C VAL L 27 21.49 12.53 -22.03
N ASN L 28 21.18 11.29 -22.38
CA ASN L 28 22.16 10.21 -22.23
C ASN L 28 22.96 9.89 -23.52
N GLY L 29 22.80 10.72 -24.54
CA GLY L 29 23.58 10.58 -25.77
C GLY L 29 22.92 9.71 -26.83
N ILE L 30 21.78 9.11 -26.47
CA ILE L 30 20.97 8.33 -27.42
C ILE L 30 20.28 9.25 -28.42
N LYS L 31 20.31 8.85 -29.70
CA LYS L 31 19.62 9.61 -30.73
C LYS L 31 18.39 8.84 -31.24
N LEU L 32 17.24 9.49 -31.19
CA LEU L 32 16.01 8.94 -31.72
C LEU L 32 15.68 9.60 -33.05
N GLN L 33 14.96 8.88 -33.91
CA GLN L 33 14.53 9.38 -35.21
C GLN L 33 13.06 9.05 -35.48
N GLY L 34 12.40 9.94 -36.21
CA GLY L 34 10.99 9.75 -36.55
C GLY L 34 10.34 11.05 -36.93
N GLN L 35 9.01 11.10 -36.87
CA GLN L 35 8.29 12.33 -37.16
C GLN L 35 7.53 12.72 -35.92
N ILE L 36 7.39 14.03 -35.68
CA ILE L 36 6.62 14.48 -34.52
C ILE L 36 5.14 14.29 -34.76
N GLU L 37 4.54 13.46 -33.90
CA GLU L 37 3.14 13.11 -34.02
C GLU L 37 2.34 14.19 -33.32
N SER L 38 2.84 14.58 -32.14
CA SER L 38 2.17 15.48 -31.24
C SER L 38 3.12 15.86 -30.12
N PHE L 39 2.80 16.92 -29.39
CA PHE L 39 3.55 17.34 -28.22
C PHE L 39 2.67 18.18 -27.30
N ASP L 40 3.01 18.21 -26.02
CA ASP L 40 2.34 19.12 -25.09
C ASP L 40 3.40 19.81 -24.23
N GLN L 41 3.04 20.25 -23.03
CA GLN L 41 3.99 20.95 -22.18
C GLN L 41 5.17 20.05 -21.74
N PHE L 42 4.88 18.77 -21.51
CA PHE L 42 5.89 17.87 -20.94
C PHE L 42 6.46 16.76 -21.86
N VAL L 43 5.73 16.41 -22.90
CA VAL L 43 6.17 15.26 -23.72
C VAL L 43 6.10 15.53 -25.21
N ILE L 44 6.83 14.71 -25.96
CA ILE L 44 6.74 14.69 -27.40
C ILE L 44 6.41 13.26 -27.85
N LEU L 45 5.35 13.09 -28.62
CA LEU L 45 5.05 11.80 -29.20
C LEU L 45 5.78 11.66 -30.55
N LEU L 46 6.67 10.68 -30.63
CA LEU L 46 7.48 10.45 -31.81
C LEU L 46 7.08 9.15 -32.48
N LYS L 47 6.82 9.19 -33.78
CA LYS L 47 6.44 7.99 -34.53
C LYS L 47 7.55 7.60 -35.50
N ASN L 48 7.93 6.33 -35.51
CA ASN L 48 8.90 5.80 -36.49
C ASN L 48 8.43 4.47 -37.05
N THR L 49 8.72 3.38 -36.34
CA THR L 49 8.13 2.07 -36.58
C THR L 49 7.05 1.83 -35.52
N VAL L 50 7.20 2.53 -34.40
CA VAL L 50 6.23 2.52 -33.31
C VAL L 50 6.04 3.95 -32.83
N SER L 51 4.96 4.20 -32.09
CA SER L 51 4.69 5.52 -31.53
C SER L 51 5.18 5.58 -30.05
N GLN L 52 6.16 6.43 -29.75
CA GLN L 52 6.72 6.52 -28.40
C GLN L 52 6.60 7.92 -27.79
N MET L 53 6.34 7.94 -26.48
CA MET L 53 6.25 9.17 -25.74
C MET L 53 7.58 9.48 -25.07
N VAL L 54 8.17 10.60 -25.44
CA VAL L 54 9.45 11.01 -24.91
C VAL L 54 9.25 12.20 -23.98
N TYR L 55 9.80 12.15 -22.77
CA TYR L 55 9.69 13.29 -21.84
C TYR L 55 10.68 14.37 -22.31
N LYS L 56 10.21 15.62 -22.42
CA LYS L 56 11.09 16.74 -22.74
C LYS L 56 12.28 16.87 -21.78
N HIS L 57 12.05 16.57 -20.49
CA HIS L 57 13.16 16.59 -19.52
C HIS L 57 14.32 15.65 -19.87
N ALA L 58 14.06 14.65 -20.70
CA ALA L 58 15.11 13.74 -21.14
C ALA L 58 15.74 14.17 -22.47
N ILE L 59 15.24 15.26 -23.05
CA ILE L 59 15.76 15.74 -24.33
C ILE L 59 16.77 16.87 -24.20
N SER L 60 17.86 16.74 -24.96
CA SER L 60 18.83 17.80 -25.10
C SER L 60 18.52 18.67 -26.34
N THR L 61 18.38 18.04 -27.51
CA THR L 61 18.19 18.80 -28.75
C THR L 61 17.25 18.13 -29.75
N VAL L 62 16.57 18.97 -30.53
CA VAL L 62 15.69 18.51 -31.61
C VAL L 62 16.14 19.20 -32.91
N VAL L 63 16.35 18.43 -33.97
CA VAL L 63 16.89 18.93 -35.25
C VAL L 63 16.25 18.15 -36.40
N PRO L 64 15.94 18.83 -37.52
CA PRO L 64 15.56 18.11 -38.73
C PRO L 64 16.70 17.18 -39.09
N SER L 65 16.36 15.93 -39.40
CA SER L 65 17.36 14.87 -39.59
C SER L 65 18.20 15.05 -40.85
PB ADP M . -32.12 -29.82 1.31
O1B ADP M . -30.98 -30.80 1.14
O2B ADP M . -33.46 -30.51 1.50
O3B ADP M . -31.89 -28.71 2.30
PA ADP M . -31.03 -28.83 -1.17
O1A ADP M . -31.34 -27.59 -1.99
O2A ADP M . -30.75 -30.14 -1.88
O3A ADP M . -32.25 -29.07 -0.13
O5' ADP M . -29.78 -28.46 -0.22
C5' ADP M . -28.49 -29.05 -0.32
C4' ADP M . -27.65 -28.49 0.82
O4' ADP M . -27.58 -27.07 0.65
C3' ADP M . -28.29 -28.73 2.18
O3' ADP M . -27.72 -29.87 2.85
C2' ADP M . -28.07 -27.45 2.96
O2' ADP M . -26.93 -27.54 3.82
C1' ADP M . -27.82 -26.39 1.89
N9 ADP M . -29.00 -25.49 1.79
C8 ADP M . -30.14 -25.72 1.11
N7 ADP M . -31.02 -24.68 1.22
C5 ADP M . -30.42 -23.75 2.00
C6 ADP M . -30.77 -22.41 2.55
N6 ADP M . -31.96 -21.81 2.27
N1 ADP M . -29.84 -21.79 3.33
C2 ADP M . -28.65 -22.34 3.61
N3 ADP M . -28.28 -23.56 3.16
C4 ADP M . -29.10 -24.30 2.37
PB ADP N . -18.99 -20.60 -9.47
O1B ADP N . -19.32 -19.62 -10.62
O2B ADP N . -20.60 -20.98 -8.87
O3B ADP N . -18.13 -20.34 -8.56
PA ADP N . -18.15 -23.28 -9.29
O1A ADP N . -17.30 -23.32 -10.54
O2A ADP N . -18.68 -24.30 -9.08
O3A ADP N . -19.32 -22.18 -9.51
O5' ADP N . -17.26 -22.62 -8.13
C5' ADP N . -16.38 -23.44 -7.35
C4' ADP N . -16.95 -23.53 -5.95
O4' ADP N . -16.55 -22.37 -5.21
C3' ADP N . -18.47 -23.56 -5.99
O3' ADP N . -18.96 -24.73 -5.33
C2' ADP N . -18.94 -22.33 -5.24
O2' ADP N . -19.85 -22.71 -4.21
C1' ADP N . -17.69 -21.73 -4.63
N9 ADP N . -17.64 -20.25 -4.86
C8 ADP N . -17.56 -19.61 -6.05
N7 ADP N . -17.56 -18.26 -5.88
C5 ADP N . -17.64 -18.03 -4.55
C6 ADP N . -17.68 -16.84 -3.68
N6 ADP N . -17.64 -15.58 -4.19
N1 ADP N . -17.77 -17.03 -2.34
C2 ADP N . -17.82 -18.27 -1.81
N3 ADP N . -17.79 -19.40 -2.54
C4 ADP N . -17.70 -19.34 -3.90
PB ADP O . 2.04 -29.09 10.57
O1B ADP O . 1.89 -28.33 11.87
O2B ADP O . 3.42 -29.65 10.33
O3B ADP O . 1.47 -28.36 9.37
PA ADP O . 0.65 -31.22 12.01
O1A ADP O . 1.31 -30.71 13.28
O2A ADP O . 0.75 -32.69 11.66
O3A ADP O . 1.11 -30.41 10.68
O5' ADP O . -0.91 -30.85 12.13
C5' ADP O . -1.89 -31.50 11.32
C4' ADP O . -2.91 -30.48 10.80
O4' ADP O . -3.41 -29.72 11.91
C3' ADP O . -2.28 -29.51 9.82
O3' ADP O . -3.22 -29.19 8.80
C2' ADP O . -2.04 -28.27 10.66
O2' ADP O . -2.09 -27.09 9.87
C1' ADP O . -3.15 -28.33 11.68
N9 ADP O . -2.72 -27.62 12.91
C8 ADP O . -1.66 -27.89 13.70
N7 ADP O . -1.58 -26.99 14.72
C5 ADP O . -2.63 -26.14 14.57
C6 ADP O . -3.15 -24.96 15.28
N6 ADP O . -2.54 -24.51 16.38
N1 ADP O . -4.26 -24.37 14.78
C2 ADP O . -4.90 -24.81 13.68
N3 ADP O . -4.47 -25.87 12.99
C4 ADP O . -3.37 -26.56 13.37
PB ADP P . -9.96 -37.31 22.55
O1B ADP P . -9.33 -36.17 22.13
O2B ADP P . -11.11 -36.72 23.84
O3B ADP P . -9.26 -38.19 23.57
PA ADP P . -11.91 -37.57 20.60
O1A ADP P . -11.41 -36.21 20.21
O2A ADP P . -13.25 -37.74 21.28
O3A ADP P . -10.78 -38.24 21.52
O5' ADP P . -11.96 -38.42 19.24
C5' ADP P . -12.84 -37.94 18.21
C4' ADP P . -12.53 -36.49 17.86
O4' ADP P . -13.44 -35.60 18.52
C3' ADP P . -11.13 -36.08 18.28
O3' ADP P . -10.26 -36.02 17.14
C2' ADP P . -11.29 -34.69 18.88
O2' ADP P . -10.54 -33.74 18.12
C1' ADP P . -12.78 -34.36 18.79
N9 ADP P . -13.25 -33.76 20.07
C8 ADP P . -13.45 -34.40 21.24
N7 ADP P . -13.87 -33.55 22.22
C5 ADP P . -13.93 -32.32 21.66
C6 ADP P . -14.30 -30.96 22.13
N6 ADP P . -14.70 -30.76 23.41
N1 ADP P . -14.24 -29.96 21.24
C2 ADP P . -13.85 -30.16 19.96
N3 ADP P . -13.49 -31.36 19.47
C4 ADP P . -13.52 -32.47 20.26
PB ADP Q . 40.07 17.90 -7.29
O1B ADP Q . 41.43 18.56 -7.28
O2B ADP Q . 38.91 18.86 -7.30
O3B ADP Q . 39.97 16.80 -8.33
PA ADP Q . 39.65 15.59 -5.59
O1A ADP Q . 39.41 15.42 -4.11
O2A ADP Q . 40.74 14.76 -6.25
O3A ADP Q . 39.97 17.16 -5.85
O5' ADP Q . 38.24 15.34 -6.34
C5' ADP Q . 38.05 14.35 -7.36
C4' ADP Q . 36.73 14.56 -8.08
O4' ADP Q . 35.69 14.74 -7.12
C3' ADP Q . 36.72 15.80 -8.97
O3' ADP Q . 36.86 15.46 -10.35
C2' ADP Q . 35.37 16.45 -8.74
O2' ADP Q . 34.46 16.11 -9.77
C1' ADP Q . 34.85 15.86 -7.44
N9 ADP Q . 34.87 16.88 -6.36
C8 ADP Q . 35.92 17.20 -5.59
N7 ADP Q . 35.61 18.16 -4.68
C5 ADP Q . 34.32 18.47 -4.87
C6 ADP Q . 33.34 19.41 -4.25
N6 ADP Q . 33.71 20.23 -3.24
N1 ADP Q . 32.07 19.42 -4.73
C2 ADP Q . 31.69 18.61 -5.74
N3 ADP Q . 32.53 17.74 -6.35
C4 ADP Q . 33.82 17.62 -5.97
PB ADP R . 30.76 2.81 1.00
O1B ADP R . 29.67 1.76 1.20
O2B ADP R . 30.75 4.35 1.26
O3B ADP R . 32.20 2.47 1.30
PA ADP R . 30.80 2.29 -1.73
O1A ADP R . 31.88 1.75 -2.65
O2A ADP R . 30.70 0.89 -1.16
O3A ADP R . 30.66 3.33 -0.52
O5' ADP R . 29.47 2.56 -2.60
C5' ADP R . 29.55 2.71 -4.01
C4' ADP R . 29.23 4.15 -4.37
O4' ADP R . 27.90 4.48 -3.94
C3' ADP R . 30.19 5.13 -3.70
O3' ADP R . 29.72 6.48 -4.93
C2' ADP R . 29.31 6.01 -2.83
O2' ADP R . 29.68 7.39 -2.96
C1' ADP R . 27.88 5.76 -3.30
N9 ADP R . 27.01 5.78 -2.10
C8 ADP R . 27.25 5.07 -0.97
N7 ADP R . 26.29 5.29 -0.04
C5 ADP R . 25.41 6.16 -0.56
C6 ADP R . 24.17 6.80 -0.06
N6 ADP R . 23.69 6.55 1.19
N1 ADP R . 23.53 7.65 -0.92
C2 ADP R . 24.01 7.90 -2.16
N3 ADP R . 25.14 7.35 -2.66
C4 ADP R . 25.87 6.48 -1.92
PB ADP S . 16.93 -1.64 -26.80
O1B ADP S . 17.09 -0.22 -26.28
O2B ADP S . 17.58 -2.70 -25.93
O3B ADP S . 15.53 -1.97 -27.21
PA ADP S . 19.19 -1.08 -28.54
O1A ADP S . 19.21 -0.66 -30.00
O2A ADP S . 20.21 -2.08 -28.03
O3A ADP S . 17.71 -1.65 -28.23
O5' ADP S . 19.39 0.27 -27.68
C5' ADP S . 20.69 0.83 -27.60
C4' ADP S . 20.95 1.36 -26.20
O4' ADP S . 20.34 2.65 -26.11
C3' ADP S . 20.36 0.49 -25.11
O3' ADP S . 21.37 0.13 -24.16
C2' ADP S . 19.26 1.32 -24.46
O2' ADP S . 19.39 1.34 -23.04
C1' ADP S . 19.45 2.72 -25.00
N9 ADP S . 18.16 3.28 -25.46
C8 ADP S . 17.45 2.88 -26.53
N7 ADP S . 16.31 3.62 -26.67
C5 ADP S . 16.30 4.51 -25.66
C6 ADP S . 15.41 5.58 -25.20
N6 ADP S . 14.27 5.86 -25.87
N1 ADP S . 15.77 6.28 -24.10
C2 ADP S . 16.90 6.02 -23.42
N3 ADP S . 17.77 5.06 -23.77
C4 ADP S . 17.52 4.28 -24.87
PB ADP T . 27.10 14.23 -34.36
O1B ADP T . 27.76 15.37 -33.61
O2B ADP T . 26.02 14.52 -35.10
O3B ADP T . 28.50 14.51 -35.16
PA ADP T . 28.47 12.34 -32.72
O1A ADP T . 29.68 13.12 -33.21
O2A ADP T . 28.21 10.88 -32.90
O3A ADP T . 27.13 12.91 -33.44
O5' ADP T . 28.26 12.70 -31.17
C5' ADP T . 28.70 11.80 -30.14
C4' ADP T . 27.68 11.85 -29.00
O4' ADP T . 27.25 13.20 -28.83
C3' ADP T . 26.44 10.96 -29.32
O3' ADP T . 25.87 10.67 -28.06
C2' ADP T . 25.22 11.97 -29.21
O2' ADP T . 24.30 12.34 -28.12
C1' ADP T . 25.83 13.33 -28.85
N9 ADP T . 25.41 14.35 -29.84
C8 ADP T . 25.89 14.47 -31.11
N7 ADP T . 25.31 15.52 -31.77
C5 ADP T . 24.44 16.09 -30.92
C6 ADP T . 23.49 17.24 -30.98
N6 ADP T . 23.37 18.00 -32.11
N1 ADP T . 22.77 17.49 -29.86
C2 ADP T . 22.89 16.75 -28.74
N3 ADP T . 23.72 15.69 -28.61
C4 ADP T . 24.51 15.32 -29.66
#